data_8J8Z
#
_entry.id   8J8Z
#
_cell.length_a   1.00
_cell.length_b   1.00
_cell.length_c   1.00
_cell.angle_alpha   90.00
_cell.angle_beta   90.00
_cell.angle_gamma   90.00
#
_symmetry.space_group_name_H-M   'P 1'
#
loop_
_entity.id
_entity.type
_entity.pdbx_description
1 polymer Beta-arrestin-1
2 polymer 'Fab30 Heavy Chain'
3 polymer 'Fab30 Light Chain'
4 polymer 'Atypical chemokine receptor 2'
#
loop_
_entity_poly.entity_id
_entity_poly.type
_entity_poly.pdbx_seq_one_letter_code
_entity_poly.pdbx_strand_id
1 'polypeptide(L)'
;MGDKGTRVFKKASPNGKLTVYLGKRDFVDHIDLVDPVDGVVLVDPEYLKERRVYVTLTCAFRYGREDLDVLGLTFRKDLF
VANVQSFPPAPEDKKPLTRLQERLIKKLGEHAYPFTFEIPPNLPCSVTLQPGPEDTGKACGVDYEVKAFCAENLEEKIHK
RNSVRLVIRKVQYAPERPGPQPTAETTRQFLMSDKPLHLEASLDKEIYYHGEPISVNVHVTNNTNKTVKKIKISVRQYAD
ICLFNTAQYKCPVAMEEADDTVAPSSTFCKVYTLTPFLANNREKRGLALDGKLKHEDTNLASSTLLREGANREILGIIVS
YKVKVKLVVSRGGLLGDLASSDVAVELPFTLMHPKPKEEPPHREVPESETPVDTNLIELDTNDDDIVFEDFARQRLKGMK
DDKDEEDDGTGSPHLNNR
;
A,B
2 'polypeptide(L)'
;EISEVQLVESGGGLVQPGGSLRLSCAASGFNVYSSSIHWVRQAPGKGLEWVASISSYYGYTYYADSVKGRFTISADTSKN
TAYLQMNSLRAEDTAVYYCARSRQFWYSGLDYWGQGTLVTVSSASTKGPSVFPLAPSSKSTSGGTAALGCLVKDYFPEPV
TVSWNSGALTSGVHTFPAVLQSSGLYSLSSVVTVPSSSLGTQTYICNVNHKPSNTKVDKKVEPKSCDKTHHHHHHHH
;
H,I
3 'polypeptide(L)'
;SDIQMTQSPSSLSASVGDRVTITCRASQSVSSAVAWYQQKPGKAPKLLIYSASSLYSGVPSRFSGSRSGTDFTLTISSLQ
PEDFATYYCQQYKYVPVTFGQGTKVEIKRTVAAPSVFIFPPSDSQLKSGTASVVCLLNNFYPREAKVQWKVDNALQSGNS
QESVTEQDSKDSTYSLSSTLTLSKADYEKHKVYACEVTHQGLSSPVTKSFNRGEC
;
L,M
4 'polypeptide(L)' G(TPO)AQA(SEP)L(SEP)(SEP)C(SEP)E(SEP)(SEP)IL(TPO)A V,U
#
# COMPACT_ATOMS: atom_id res chain seq x y z
N THR A 6 14.01 -29.54 35.08
CA THR A 6 14.27 -28.40 34.16
C THR A 6 13.48 -28.56 32.87
N ARG A 7 12.90 -29.75 32.67
CA ARG A 7 11.98 -29.97 31.56
C ARG A 7 12.61 -29.69 30.20
N VAL A 8 13.60 -30.49 29.82
CA VAL A 8 14.22 -30.39 28.50
C VAL A 8 13.26 -30.94 27.45
N PHE A 9 13.41 -30.46 26.23
CA PHE A 9 12.61 -30.92 25.11
C PHE A 9 13.27 -32.14 24.47
N LYS A 10 12.66 -32.63 23.39
CA LYS A 10 13.23 -33.70 22.60
C LYS A 10 12.38 -33.92 21.36
N LYS A 11 12.90 -34.72 20.45
CA LYS A 11 12.13 -35.16 19.30
C LYS A 11 12.72 -36.48 18.82
N ALA A 12 11.86 -37.38 18.36
CA ALA A 12 12.27 -38.71 17.95
C ALA A 12 12.05 -38.88 16.46
N SER A 13 13.03 -39.45 15.78
CA SER A 13 12.90 -39.67 14.35
C SER A 13 11.74 -40.61 14.08
N PRO A 14 11.07 -40.48 12.93
CA PRO A 14 9.90 -41.33 12.68
C PRO A 14 10.17 -42.81 12.86
N ASN A 15 11.36 -43.28 12.46
CA ASN A 15 11.73 -44.66 12.68
C ASN A 15 12.11 -44.95 14.13
N GLY A 16 12.33 -43.91 14.93
CA GLY A 16 12.73 -44.08 16.31
C GLY A 16 14.20 -44.38 16.52
N LYS A 17 14.99 -44.43 15.46
CA LYS A 17 16.41 -44.73 15.60
C LYS A 17 17.21 -43.56 16.12
N LEU A 18 16.79 -42.33 15.82
CA LEU A 18 17.54 -41.12 16.17
C LEU A 18 16.62 -40.14 16.86
N THR A 19 17.11 -39.52 17.93
CA THR A 19 16.36 -38.52 18.68
C THR A 19 17.32 -37.44 19.17
N VAL A 20 16.84 -36.20 19.16
CA VAL A 20 17.66 -35.03 19.47
C VAL A 20 17.02 -34.30 20.63
N TYR A 21 17.82 -33.97 21.64
CA TYR A 21 17.36 -33.31 22.86
C TYR A 21 17.80 -31.86 22.83
N LEU A 22 17.04 -31.00 23.51
CA LEU A 22 17.36 -29.59 23.59
C LEU A 22 17.00 -29.05 24.97
N GLY A 23 17.80 -28.08 25.44
CA GLY A 23 17.51 -27.47 26.73
C GLY A 23 16.47 -26.39 26.66
N LYS A 24 16.44 -25.63 25.57
CA LYS A 24 15.44 -24.59 25.37
C LYS A 24 15.35 -24.29 23.89
N ARG A 25 14.22 -23.69 23.49
CA ARG A 25 13.96 -23.45 22.08
C ARG A 25 13.90 -21.98 21.70
N ASP A 26 13.83 -21.06 22.65
CA ASP A 26 13.92 -19.64 22.39
C ASP A 26 15.24 -19.12 22.93
N PHE A 27 16.16 -18.81 22.03
CA PHE A 27 17.51 -18.40 22.42
C PHE A 27 17.61 -16.88 22.38
N VAL A 28 17.88 -16.29 23.54
CA VAL A 28 17.91 -14.83 23.63
C VAL A 28 19.10 -14.29 22.85
N ASP A 29 18.97 -13.05 22.42
CA ASP A 29 20.04 -12.32 21.75
C ASP A 29 20.42 -11.13 22.63
N HIS A 30 21.71 -11.02 22.95
CA HIS A 30 22.22 -9.94 23.78
C HIS A 30 22.87 -8.83 22.95
N ILE A 31 22.32 -8.56 21.77
CA ILE A 31 22.85 -7.53 20.87
C ILE A 31 24.18 -7.97 20.28
N ASP A 32 25.12 -8.38 21.12
CA ASP A 32 26.48 -8.70 20.68
C ASP A 32 26.78 -10.19 20.66
N LEU A 33 26.06 -11.01 21.44
CA LEU A 33 26.21 -12.45 21.40
C LEU A 33 24.84 -13.11 21.40
N VAL A 34 24.79 -14.31 20.84
CA VAL A 34 23.58 -15.11 20.80
C VAL A 34 23.85 -16.39 21.57
N ASP A 35 22.88 -16.80 22.37
CA ASP A 35 23.09 -17.95 23.24
C ASP A 35 23.39 -19.18 22.39
N PRO A 36 24.34 -20.02 22.81
CA PRO A 36 24.76 -21.14 21.96
C PRO A 36 23.71 -22.25 21.94
N VAL A 37 23.26 -22.61 20.74
CA VAL A 37 22.38 -23.74 20.60
C VAL A 37 23.16 -25.02 20.90
N ASP A 38 22.64 -25.83 21.81
CA ASP A 38 23.34 -27.04 22.20
C ASP A 38 22.34 -28.06 22.75
N GLY A 39 22.78 -29.31 22.80
CA GLY A 39 21.96 -30.40 23.27
C GLY A 39 22.72 -31.70 23.16
N VAL A 40 22.02 -32.79 22.83
CA VAL A 40 22.64 -34.08 22.63
C VAL A 40 21.79 -34.87 21.64
N VAL A 41 22.42 -35.84 21.00
CA VAL A 41 21.74 -36.79 20.12
C VAL A 41 21.99 -38.19 20.67
N LEU A 42 20.93 -38.96 20.82
CA LEU A 42 21.00 -40.32 21.31
C LEU A 42 20.95 -41.28 20.13
N VAL A 43 22.04 -42.00 19.90
CA VAL A 43 22.15 -42.91 18.76
C VAL A 43 22.70 -44.24 19.25
N ASP A 44 22.50 -45.27 18.44
CA ASP A 44 22.94 -46.63 18.75
C ASP A 44 23.80 -47.16 17.61
N PRO A 45 25.09 -47.42 17.83
CA PRO A 45 25.92 -47.89 16.71
C PRO A 45 25.42 -49.18 16.08
N GLU A 46 24.81 -50.07 16.86
CA GLU A 46 24.36 -51.36 16.34
C GLU A 46 23.32 -51.21 15.23
N TYR A 47 22.67 -50.06 15.12
CA TYR A 47 21.75 -49.78 14.03
C TYR A 47 22.25 -48.64 13.15
N LEU A 48 23.54 -48.35 13.17
CA LEU A 48 24.11 -47.18 12.52
C LEU A 48 25.37 -47.58 11.74
N LYS A 49 25.25 -48.62 10.91
CA LYS A 49 26.39 -49.05 10.11
C LYS A 49 26.90 -47.92 9.23
N GLU A 50 26.04 -46.96 8.88
CA GLU A 50 26.49 -45.81 8.09
C GLU A 50 27.65 -45.10 8.77
N ARG A 51 27.60 -44.99 10.10
CA ARG A 51 28.73 -44.50 10.88
C ARG A 51 28.90 -42.99 10.76
N ARG A 52 27.82 -42.24 10.54
CA ARG A 52 27.82 -40.80 10.67
C ARG A 52 26.45 -40.34 11.15
N VAL A 53 26.44 -39.45 12.12
CA VAL A 53 25.21 -38.83 12.61
C VAL A 53 25.44 -37.32 12.63
N TYR A 54 24.83 -36.63 11.68
CA TYR A 54 25.08 -35.21 11.48
C TYR A 54 24.00 -34.37 12.12
N VAL A 55 24.34 -33.11 12.38
CA VAL A 55 23.40 -32.11 12.87
C VAL A 55 23.62 -30.83 12.05
N THR A 56 22.52 -30.23 11.63
CA THR A 56 22.56 -29.10 10.70
C THR A 56 21.68 -27.99 11.23
N LEU A 57 22.28 -26.82 11.48
CA LEU A 57 21.53 -25.63 11.82
C LEU A 57 21.33 -24.80 10.56
N THR A 58 20.08 -24.44 10.28
CA THR A 58 19.72 -23.75 9.05
C THR A 58 18.99 -22.47 9.42
N CYS A 59 19.53 -21.32 8.99
CA CYS A 59 18.86 -20.04 9.16
C CYS A 59 18.20 -19.67 7.84
N ALA A 60 17.04 -20.27 7.62
CA ALA A 60 16.34 -20.08 6.36
C ALA A 60 15.65 -18.72 6.31
N PHE A 61 15.66 -18.11 5.13
CA PHE A 61 14.89 -16.91 4.85
C PHE A 61 14.01 -17.16 3.65
N ARG A 62 12.70 -17.24 3.88
CA ARG A 62 11.72 -17.54 2.84
C ARG A 62 10.78 -16.37 2.67
N TYR A 63 10.60 -15.93 1.42
CA TYR A 63 9.96 -14.66 1.15
C TYR A 63 8.90 -14.85 0.06
N GLY A 64 7.79 -14.13 0.22
CA GLY A 64 6.69 -14.18 -0.72
C GLY A 64 6.48 -12.87 -1.47
N ARG A 65 5.52 -12.08 -1.00
CA ARG A 65 5.22 -10.77 -1.59
C ARG A 65 4.61 -10.98 -2.98
N GLU A 66 4.66 -9.96 -3.83
CA GLU A 66 3.99 -10.00 -5.12
C GLU A 66 4.85 -10.65 -6.19
N ASP A 67 5.25 -11.90 -5.96
CA ASP A 67 5.90 -12.69 -6.99
C ASP A 67 4.92 -13.63 -7.69
N LEU A 68 3.75 -13.86 -7.09
CA LEU A 68 2.79 -14.77 -7.69
C LEU A 68 2.40 -14.36 -9.10
N ASP A 69 2.47 -13.07 -9.43
CA ASP A 69 2.06 -12.63 -10.75
C ASP A 69 3.05 -13.08 -11.81
N VAL A 70 4.26 -13.46 -11.40
CA VAL A 70 5.24 -14.04 -12.31
C VAL A 70 5.24 -15.55 -12.11
N LEU A 71 4.10 -16.09 -11.67
CA LEU A 71 3.97 -17.49 -11.29
C LEU A 71 4.46 -17.70 -9.86
N GLY A 72 4.38 -18.93 -9.37
CA GLY A 72 4.71 -19.20 -7.99
C GLY A 72 6.20 -19.12 -7.71
N LEU A 73 6.80 -17.96 -7.98
CA LEU A 73 8.23 -17.79 -7.75
C LEU A 73 8.50 -17.45 -6.29
N THR A 74 8.13 -18.36 -5.39
CA THR A 74 8.59 -18.24 -4.01
C THR A 74 10.01 -18.75 -3.91
N PHE A 75 10.86 -17.99 -3.25
CA PHE A 75 12.26 -18.36 -3.13
C PHE A 75 12.68 -18.32 -1.66
N ARG A 76 13.70 -19.10 -1.35
CA ARG A 76 14.30 -19.08 -0.03
C ARG A 76 15.82 -19.14 -0.18
N LYS A 77 16.51 -18.46 0.71
CA LYS A 77 17.98 -18.45 0.71
C LYS A 77 18.46 -18.66 2.13
N ASP A 78 19.33 -19.65 2.32
CA ASP A 78 19.85 -19.97 3.65
C ASP A 78 20.87 -18.90 4.04
N LEU A 79 20.45 -18.00 4.93
CA LEU A 79 21.35 -16.93 5.36
C LEU A 79 22.52 -17.45 6.17
N PHE A 80 22.43 -18.67 6.70
CA PHE A 80 23.50 -19.22 7.51
C PHE A 80 23.26 -20.71 7.69
N VAL A 81 24.29 -21.51 7.44
CA VAL A 81 24.23 -22.96 7.62
C VAL A 81 25.53 -23.42 8.27
N ALA A 82 25.40 -24.23 9.32
CA ALA A 82 26.56 -24.82 9.98
C ALA A 82 26.26 -26.29 10.24
N ASN A 83 27.29 -27.11 10.22
CA ASN A 83 27.17 -28.54 10.42
C ASN A 83 28.18 -29.02 11.44
N VAL A 84 27.87 -30.14 12.08
CA VAL A 84 28.75 -30.76 13.05
C VAL A 84 28.57 -32.27 12.97
N GLN A 85 29.67 -32.99 13.15
CA GLN A 85 29.67 -34.45 13.12
C GLN A 85 29.60 -34.97 14.56
N SER A 86 28.59 -35.79 14.86
CA SER A 86 28.31 -36.18 16.23
C SER A 86 28.71 -37.61 16.56
N PHE A 87 28.17 -38.62 15.85
CA PHE A 87 28.38 -39.99 16.30
C PHE A 87 29.85 -40.38 16.27
N PRO A 88 30.58 -40.20 15.18
CA PRO A 88 32.03 -40.31 15.25
C PRO A 88 32.62 -39.03 15.82
N PRO A 89 33.08 -39.03 17.06
CA PRO A 89 33.50 -37.78 17.69
C PRO A 89 34.58 -37.09 16.86
N ALA A 90 34.25 -35.89 16.39
CA ALA A 90 35.20 -35.12 15.59
C ALA A 90 36.39 -34.73 16.46
N PRO A 91 37.63 -34.97 16.02
CA PRO A 91 38.78 -34.64 16.87
C PRO A 91 38.94 -33.16 17.14
N GLU A 92 38.50 -32.28 16.23
CA GLU A 92 38.73 -30.86 16.39
C GLU A 92 37.71 -30.18 17.28
N ASP A 93 36.59 -30.82 17.56
CA ASP A 93 35.55 -30.22 18.40
C ASP A 93 35.77 -30.47 19.88
N LYS A 94 36.97 -30.16 20.38
CA LYS A 94 37.29 -30.33 21.80
C LYS A 94 36.85 -29.10 22.59
N LYS A 95 35.53 -28.97 22.71
CA LYS A 95 34.89 -27.87 23.41
C LYS A 95 34.18 -28.40 24.64
N PRO A 96 34.38 -27.80 25.82
CA PRO A 96 33.77 -28.35 27.03
C PRO A 96 32.25 -28.32 26.96
N LEU A 97 31.63 -29.33 27.55
CA LEU A 97 30.18 -29.42 27.56
C LEU A 97 29.58 -28.40 28.51
N THR A 98 28.32 -28.04 28.25
CA THR A 98 27.56 -27.24 29.20
C THR A 98 27.00 -28.13 30.30
N ARG A 99 26.48 -27.50 31.35
CA ARG A 99 25.88 -28.26 32.44
C ARG A 99 24.71 -29.10 31.93
N LEU A 100 23.87 -28.52 31.07
CA LEU A 100 22.73 -29.25 30.55
C LEU A 100 23.17 -30.46 29.73
N GLN A 101 24.15 -30.27 28.85
CA GLN A 101 24.62 -31.37 28.01
C GLN A 101 25.18 -32.51 28.87
N GLU A 102 26.03 -32.17 29.84
CA GLU A 102 26.67 -33.22 30.63
C GLU A 102 25.67 -33.92 31.54
N ARG A 103 24.71 -33.20 32.11
CA ARG A 103 23.70 -33.86 32.93
C ARG A 103 22.79 -34.74 32.08
N LEU A 104 22.49 -34.31 30.85
CA LEU A 104 21.76 -35.19 29.94
C LEU A 104 22.59 -36.43 29.62
N ILE A 105 23.90 -36.27 29.42
CA ILE A 105 24.76 -37.41 29.14
C ILE A 105 24.71 -38.39 30.29
N LYS A 106 24.79 -37.89 31.53
CA LYS A 106 24.61 -38.75 32.68
C LYS A 106 23.28 -39.48 32.59
N LYS A 107 22.20 -38.75 32.33
CA LYS A 107 20.88 -39.36 32.25
C LYS A 107 20.84 -40.47 31.19
N LEU A 108 21.60 -40.33 30.12
CA LEU A 108 21.44 -41.17 28.93
C LEU A 108 22.52 -42.23 28.75
N GLY A 109 23.69 -42.07 29.35
CA GLY A 109 24.75 -43.02 29.15
C GLY A 109 25.58 -42.73 27.91
N GLU A 110 26.40 -43.70 27.55
CA GLU A 110 27.38 -43.54 26.48
C GLU A 110 26.74 -43.50 25.08
N HIS A 111 25.46 -43.84 24.96
CA HIS A 111 24.81 -43.88 23.66
C HIS A 111 24.26 -42.54 23.21
N ALA A 112 24.75 -41.43 23.75
CA ALA A 112 24.36 -40.11 23.32
C ALA A 112 25.60 -39.26 23.09
N TYR A 113 25.52 -38.36 22.12
CA TYR A 113 26.65 -37.54 21.73
C TYR A 113 26.24 -36.07 21.66
N PRO A 114 27.14 -35.15 21.97
CA PRO A 114 26.78 -33.73 22.06
C PRO A 114 26.94 -33.01 20.72
N PHE A 115 26.63 -31.72 20.75
CA PHE A 115 26.87 -30.81 19.64
C PHE A 115 26.58 -29.39 20.11
N THR A 116 26.99 -28.42 19.30
CA THR A 116 26.81 -27.03 19.67
C THR A 116 27.18 -26.14 18.49
N PHE A 117 26.39 -25.09 18.28
CA PHE A 117 26.60 -24.14 17.20
C PHE A 117 26.75 -22.75 17.80
N GLU A 118 27.83 -22.06 17.44
CA GLU A 118 28.07 -20.69 17.89
C GLU A 118 27.50 -19.75 16.83
N ILE A 119 26.21 -19.48 16.95
CA ILE A 119 25.54 -18.59 16.00
C ILE A 119 26.20 -17.23 16.09
N PRO A 120 26.67 -16.64 14.99
CA PRO A 120 27.31 -15.34 15.07
C PRO A 120 26.28 -14.23 15.16
N PRO A 121 26.67 -13.05 15.62
CA PRO A 121 25.71 -11.94 15.73
C PRO A 121 25.27 -11.45 14.36
N ASN A 122 24.37 -10.47 14.38
CA ASN A 122 23.86 -9.78 13.21
C ASN A 122 22.93 -10.63 12.37
N LEU A 123 22.75 -11.91 12.70
CA LEU A 123 21.78 -12.71 11.98
C LEU A 123 20.37 -12.26 12.32
N PRO A 124 19.46 -12.19 11.35
CA PRO A 124 18.14 -11.63 11.62
C PRO A 124 17.39 -12.43 12.66
N CYS A 125 16.57 -11.74 13.45
CA CYS A 125 15.78 -12.38 14.47
C CYS A 125 14.57 -13.09 13.84
N SER A 126 14.12 -14.14 14.51
CA SER A 126 12.98 -14.91 14.01
C SER A 126 11.78 -13.98 13.85
N VAL A 127 11.40 -13.71 12.62
CA VAL A 127 10.30 -12.82 12.30
C VAL A 127 9.45 -13.46 11.22
N THR A 128 8.13 -13.29 11.33
CA THR A 128 7.20 -13.78 10.33
C THR A 128 6.39 -12.62 9.78
N LEU A 129 6.07 -12.68 8.50
CA LEU A 129 5.23 -11.70 7.85
C LEU A 129 3.82 -12.26 7.74
N GLN A 130 2.84 -11.47 8.15
CA GLN A 130 1.48 -11.95 8.22
C GLN A 130 1.00 -12.37 6.83
N PRO A 131 0.59 -13.61 6.63
CA PRO A 131 0.11 -14.01 5.31
C PRO A 131 -1.27 -13.46 5.01
N GLY A 132 -1.54 -13.23 3.73
CA GLY A 132 -2.86 -12.83 3.31
C GLY A 132 -3.82 -14.00 3.38
N PRO A 133 -5.12 -13.71 3.31
CA PRO A 133 -6.10 -14.82 3.35
C PRO A 133 -5.91 -15.83 2.23
N GLU A 134 -5.43 -15.41 1.07
CA GLU A 134 -5.27 -16.32 -0.05
C GLU A 134 -4.02 -17.18 0.04
N ASP A 135 -3.06 -16.81 0.90
CA ASP A 135 -1.81 -17.55 1.01
C ASP A 135 -2.04 -18.80 1.86
N THR A 136 -1.58 -19.95 1.36
CA THR A 136 -1.73 -21.21 2.06
C THR A 136 -0.42 -21.97 2.25
N GLY A 137 0.68 -21.50 1.65
CA GLY A 137 1.94 -22.19 1.78
C GLY A 137 2.63 -21.88 3.08
N LYS A 138 3.90 -22.29 3.16
CA LYS A 138 4.70 -22.05 4.34
C LYS A 138 4.82 -20.55 4.61
N ALA A 139 4.63 -20.16 5.86
CA ALA A 139 4.65 -18.74 6.23
C ALA A 139 6.03 -18.15 5.93
N CYS A 140 6.05 -17.00 5.28
CA CYS A 140 7.29 -16.37 4.91
C CYS A 140 7.89 -15.61 6.09
N GLY A 141 9.22 -15.48 6.07
CA GLY A 141 9.93 -14.78 7.11
C GLY A 141 11.23 -15.49 7.38
N VAL A 142 11.96 -14.98 8.37
CA VAL A 142 13.22 -15.58 8.81
C VAL A 142 12.90 -16.55 9.92
N ASP A 143 13.43 -17.77 9.83
CA ASP A 143 13.26 -18.77 10.86
C ASP A 143 14.53 -19.59 10.99
N TYR A 144 14.64 -20.31 12.10
CA TYR A 144 15.76 -21.20 12.37
C TYR A 144 15.22 -22.62 12.49
N GLU A 145 16.07 -23.59 12.12
CA GLU A 145 15.67 -24.99 12.15
C GLU A 145 16.88 -25.84 12.44
N VAL A 146 16.68 -26.91 13.20
CA VAL A 146 17.75 -27.83 13.60
C VAL A 146 17.44 -29.18 13.01
N LYS A 147 18.42 -29.74 12.29
CA LYS A 147 18.29 -31.04 11.66
C LYS A 147 19.26 -32.03 12.29
N ALA A 148 18.85 -33.29 12.33
CA ALA A 148 19.72 -34.37 12.78
C ALA A 148 19.39 -35.63 12.01
N PHE A 149 20.38 -36.21 11.36
CA PHE A 149 20.15 -37.35 10.48
C PHE A 149 21.35 -38.27 10.47
N CYS A 150 21.08 -39.57 10.52
CA CYS A 150 22.10 -40.57 10.24
C CYS A 150 22.42 -40.54 8.75
N ALA A 151 23.67 -40.82 8.41
CA ALA A 151 24.08 -40.82 7.01
C ALA A 151 25.49 -41.38 6.90
N GLU A 152 26.01 -41.35 5.68
CA GLU A 152 27.37 -41.77 5.39
C GLU A 152 28.22 -40.68 4.75
N ASN A 153 27.59 -39.60 4.29
CA ASN A 153 28.31 -38.47 3.70
C ASN A 153 27.31 -37.33 3.56
N LEU A 154 27.84 -36.14 3.24
CA LEU A 154 26.97 -34.98 3.06
C LEU A 154 26.25 -35.02 1.73
N GLU A 155 26.90 -35.51 0.67
CA GLU A 155 26.30 -35.47 -0.65
C GLU A 155 25.08 -36.37 -0.77
N GLU A 156 25.00 -37.43 0.02
CA GLU A 156 23.87 -38.34 -0.07
C GLU A 156 22.62 -37.70 0.54
N LYS A 157 21.51 -37.77 -0.19
CA LYS A 157 20.26 -37.18 0.27
C LYS A 157 19.80 -37.86 1.54
N ILE A 158 19.38 -37.08 2.53
CA ILE A 158 18.97 -37.61 3.81
C ILE A 158 17.58 -38.21 3.69
N HIS A 159 17.36 -39.35 4.35
CA HIS A 159 16.08 -40.01 4.31
C HIS A 159 15.16 -39.47 5.40
N LYS A 160 13.89 -39.26 5.06
CA LYS A 160 12.92 -38.87 6.07
C LYS A 160 12.85 -39.91 7.19
N ARG A 161 13.15 -41.17 6.87
CA ARG A 161 13.06 -42.23 7.86
C ARG A 161 13.90 -41.92 9.09
N ASN A 162 15.14 -41.47 8.88
CA ASN A 162 16.08 -41.26 9.97
C ASN A 162 16.50 -39.80 10.10
N SER A 163 15.55 -38.87 10.00
CA SER A 163 15.84 -37.45 10.15
C SER A 163 14.89 -36.85 11.18
N VAL A 164 15.40 -35.85 11.92
CA VAL A 164 14.62 -35.15 12.94
C VAL A 164 14.69 -33.66 12.65
N ARG A 165 13.54 -33.00 12.66
CA ARG A 165 13.43 -31.58 12.36
C ARG A 165 12.90 -30.86 13.59
N LEU A 166 13.71 -29.95 14.14
CA LEU A 166 13.30 -29.06 15.20
C LEU A 166 13.31 -27.62 14.68
N VAL A 167 12.34 -26.83 15.13
CA VAL A 167 12.31 -25.41 14.81
C VAL A 167 12.51 -24.63 16.09
N ILE A 168 13.65 -23.94 16.20
CA ILE A 168 13.90 -23.04 17.30
C ILE A 168 13.67 -21.64 16.77
N ARG A 169 13.73 -20.64 17.64
CA ARG A 169 13.65 -19.26 17.19
C ARG A 169 14.65 -18.42 17.97
N LYS A 170 15.15 -17.39 17.31
CA LYS A 170 16.07 -16.44 17.92
C LYS A 170 15.26 -15.24 18.40
N VAL A 171 15.35 -14.93 19.69
CA VAL A 171 14.48 -13.96 20.32
C VAL A 171 15.30 -12.86 20.97
N GLN A 172 14.73 -11.67 21.03
CA GLN A 172 15.38 -10.49 21.58
C GLN A 172 14.45 -9.80 22.56
N TYR A 173 15.01 -9.32 23.67
CA TYR A 173 14.23 -8.80 24.79
C TYR A 173 14.63 -7.37 25.10
N ALA A 174 13.75 -6.68 25.82
CA ALA A 174 13.91 -5.26 26.06
C ALA A 174 15.18 -5.00 26.87
N PRO A 175 15.88 -3.89 26.65
CA PRO A 175 17.05 -3.58 27.46
C PRO A 175 16.67 -3.37 28.92
N GLU A 176 17.61 -3.68 29.80
CA GLU A 176 17.38 -3.53 31.23
C GLU A 176 17.30 -2.08 31.67
N ARG A 177 17.69 -1.13 30.83
CA ARG A 177 17.69 0.28 31.18
C ARG A 177 16.96 1.06 30.11
N PRO A 178 16.36 2.20 30.48
CA PRO A 178 15.57 2.95 29.50
C PRO A 178 16.44 3.90 28.68
N GLY A 179 15.88 4.36 27.57
CA GLY A 179 16.51 5.38 26.76
C GLY A 179 16.06 6.77 27.18
N PRO A 180 16.28 7.74 26.29
CA PRO A 180 15.83 9.10 26.56
C PRO A 180 14.41 9.34 26.07
N GLN A 181 13.71 10.20 26.77
CA GLN A 181 12.34 10.54 26.40
C GLN A 181 12.34 11.13 24.99
N PRO A 182 11.86 10.41 23.98
CA PRO A 182 11.91 10.96 22.61
C PRO A 182 11.09 12.22 22.49
N THR A 183 11.59 13.17 21.69
CA THR A 183 10.89 14.40 21.40
C THR A 183 11.19 14.83 19.97
N ALA A 184 10.23 15.54 19.36
CA ALA A 184 10.41 16.02 18.00
C ALA A 184 9.49 17.20 17.78
N GLU A 185 9.96 18.16 16.97
CA GLU A 185 9.17 19.35 16.67
C GLU A 185 9.54 19.84 15.28
N THR A 186 8.61 20.59 14.67
CA THR A 186 8.81 21.15 13.35
C THR A 186 8.16 22.52 13.29
N THR A 187 8.86 23.47 12.68
CA THR A 187 8.39 24.84 12.50
C THR A 187 8.21 25.10 11.02
N ARG A 188 7.03 25.58 10.62
CA ARG A 188 6.68 25.78 9.24
C ARG A 188 6.44 27.27 8.97
N GLN A 189 6.86 27.73 7.79
CA GLN A 189 6.60 29.08 7.33
C GLN A 189 5.74 29.01 6.08
N PHE A 190 4.91 30.04 5.89
CA PHE A 190 3.88 30.01 4.86
C PHE A 190 3.99 31.24 3.98
N LEU A 191 3.47 31.11 2.75
CA LEU A 191 3.53 32.20 1.78
C LEU A 191 2.82 33.45 2.28
N MET A 192 1.81 33.29 3.14
CA MET A 192 1.07 34.44 3.63
C MET A 192 2.00 35.43 4.31
N SER A 193 2.89 34.93 5.16
CA SER A 193 3.89 35.75 5.83
C SER A 193 4.83 34.83 6.58
N ASP A 194 5.97 35.39 7.00
CA ASP A 194 6.95 34.62 7.75
C ASP A 194 6.52 34.47 9.20
N LYS A 195 5.37 33.85 9.41
CA LYS A 195 4.83 33.63 10.75
C LYS A 195 4.76 32.13 11.01
N PRO A 196 5.42 31.62 12.05
CA PRO A 196 5.59 30.17 12.17
C PRO A 196 4.35 29.45 12.66
N LEU A 197 4.25 28.19 12.25
CA LEU A 197 3.33 27.22 12.83
C LEU A 197 4.17 26.17 13.53
N HIS A 198 4.16 26.17 14.85
CA HIS A 198 5.12 25.41 15.65
C HIS A 198 4.41 24.19 16.23
N LEU A 199 4.96 23.01 15.96
CA LEU A 199 4.38 21.74 16.38
C LEU A 199 5.43 20.93 17.14
N GLU A 200 5.05 20.41 18.30
CA GLU A 200 5.90 19.55 19.09
C GLU A 200 5.17 18.25 19.42
N ALA A 201 5.94 17.23 19.77
CA ALA A 201 5.38 15.97 20.22
C ALA A 201 6.45 15.23 21.03
N SER A 202 5.99 14.46 22.01
CA SER A 202 6.87 13.65 22.82
C SER A 202 6.09 12.48 23.40
N LEU A 203 6.81 11.43 23.79
CA LEU A 203 6.22 10.24 24.37
C LEU A 203 6.61 10.13 25.84
N ASP A 204 5.88 9.28 26.56
CA ASP A 204 6.16 9.10 27.98
C ASP A 204 7.52 8.48 28.22
N LYS A 205 7.90 7.47 27.44
CA LYS A 205 9.14 6.73 27.69
C LYS A 205 9.57 6.06 26.40
N GLU A 206 10.83 5.62 26.37
CA GLU A 206 11.41 5.08 25.15
C GLU A 206 10.88 3.69 24.83
N ILE A 207 10.81 2.81 25.82
CA ILE A 207 10.48 1.40 25.61
C ILE A 207 9.04 1.17 26.07
N TYR A 208 8.23 0.62 25.18
CA TYR A 208 6.86 0.24 25.49
C TYR A 208 6.67 -1.25 25.25
N TYR A 209 6.25 -1.96 26.29
CA TYR A 209 5.98 -3.39 26.16
C TYR A 209 4.71 -3.61 25.36
N HIS A 210 4.58 -4.81 24.79
CA HIS A 210 3.44 -5.10 23.94
C HIS A 210 2.15 -4.99 24.73
N GLY A 211 1.16 -4.31 24.14
CA GLY A 211 -0.11 -4.08 24.78
C GLY A 211 -0.15 -2.87 25.69
N GLU A 212 0.99 -2.38 26.14
CA GLU A 212 1.00 -1.21 27.00
C GLU A 212 0.61 0.02 26.18
N PRO A 213 -0.23 0.90 26.72
CA PRO A 213 -0.62 2.09 25.95
C PRO A 213 0.55 3.04 25.76
N ILE A 214 0.50 3.78 24.65
CA ILE A 214 1.55 4.73 24.29
C ILE A 214 0.96 6.12 24.50
N SER A 215 1.51 6.85 25.47
CA SER A 215 1.06 8.20 25.77
C SER A 215 1.86 9.20 24.94
N VAL A 216 1.17 9.99 24.13
CA VAL A 216 1.80 10.99 23.26
C VAL A 216 1.45 12.36 23.80
N ASN A 217 2.47 13.16 24.08
CA ASN A 217 2.32 14.52 24.60
C ASN A 217 2.50 15.49 23.44
N VAL A 218 1.47 16.28 23.15
CA VAL A 218 1.43 17.14 21.98
C VAL A 218 1.25 18.58 22.40
N HIS A 219 1.82 19.48 21.62
CA HIS A 219 1.62 20.92 21.80
C HIS A 219 1.73 21.62 20.45
N VAL A 220 0.77 22.47 20.14
CA VAL A 220 0.70 23.17 18.87
C VAL A 220 0.54 24.66 19.13
N THR A 221 1.35 25.46 18.47
CA THR A 221 1.25 26.92 18.51
C THR A 221 1.09 27.42 17.09
N ASN A 222 -0.04 28.05 16.80
CA ASN A 222 -0.38 28.50 15.46
C ASN A 222 -0.50 30.02 15.46
N ASN A 223 0.48 30.70 14.87
CA ASN A 223 0.43 32.15 14.70
C ASN A 223 -0.03 32.55 13.31
N THR A 224 -0.35 31.59 12.44
CA THR A 224 -0.79 31.90 11.09
C THR A 224 -2.31 32.04 11.05
N ASN A 225 -2.81 32.53 9.92
CA ASN A 225 -4.25 32.66 9.71
C ASN A 225 -4.90 31.34 9.29
N LYS A 226 -4.11 30.33 8.99
CA LYS A 226 -4.66 29.03 8.64
C LYS A 226 -5.07 28.26 9.88
N THR A 227 -6.06 27.39 9.73
CA THR A 227 -6.63 26.63 10.83
C THR A 227 -6.33 25.15 10.64
N VAL A 228 -5.85 24.52 11.71
CA VAL A 228 -5.58 23.09 11.70
C VAL A 228 -6.91 22.35 11.72
N LYS A 229 -7.34 21.85 10.57
CA LYS A 229 -8.66 21.25 10.46
C LYS A 229 -8.78 19.98 11.29
N LYS A 230 -7.74 19.15 11.30
CA LYS A 230 -7.77 17.91 12.07
C LYS A 230 -6.37 17.60 12.56
N ILE A 231 -6.30 16.80 13.62
CA ILE A 231 -5.04 16.31 14.17
C ILE A 231 -4.96 14.82 13.91
N LYS A 232 -3.99 14.41 13.12
CA LYS A 232 -3.77 13.01 12.80
C LYS A 232 -2.57 12.49 13.56
N ILE A 233 -2.78 11.48 14.39
CA ILE A 233 -1.72 10.83 15.14
C ILE A 233 -1.83 9.33 14.91
N SER A 234 -0.73 8.71 14.49
CA SER A 234 -0.73 7.29 14.20
C SER A 234 0.65 6.71 14.52
N VAL A 235 0.66 5.42 14.83
CA VAL A 235 1.88 4.66 15.09
C VAL A 235 2.05 3.67 13.95
N ARG A 236 3.22 3.68 13.32
CA ARG A 236 3.45 2.93 12.09
C ARG A 236 4.68 2.05 12.22
N GLN A 237 4.62 0.89 11.58
CA GLN A 237 5.65 -0.13 11.66
C GLN A 237 6.38 -0.22 10.32
N TYR A 238 7.71 -0.12 10.36
CA TYR A 238 8.54 -0.33 9.19
C TYR A 238 9.32 -1.63 9.35
N ALA A 239 9.44 -2.39 8.27
CA ALA A 239 10.21 -3.62 8.23
C ALA A 239 11.18 -3.54 7.07
N ASP A 240 12.46 -3.35 7.37
CA ASP A 240 13.49 -3.21 6.34
C ASP A 240 13.88 -4.58 5.85
N ILE A 241 13.55 -4.88 4.59
CA ILE A 241 13.85 -6.16 3.97
C ILE A 241 15.10 -5.97 3.11
N CYS A 242 16.17 -6.66 3.45
CA CYS A 242 17.43 -6.50 2.72
C CYS A 242 18.13 -7.85 2.59
N LEU A 243 17.86 -8.54 1.49
CA LEU A 243 18.60 -9.77 1.18
C LEU A 243 19.75 -9.44 0.24
N PHE A 244 19.44 -8.89 -0.94
CA PHE A 244 20.48 -8.41 -1.83
C PHE A 244 20.55 -6.89 -1.84
N ASN A 245 19.40 -6.23 -1.96
CA ASN A 245 19.34 -4.77 -1.91
C ASN A 245 18.13 -4.37 -1.08
N THR A 246 18.27 -3.27 -0.35
CA THR A 246 17.28 -2.91 0.65
C THR A 246 15.94 -2.55 0.02
N ALA A 247 14.87 -2.91 0.73
CA ALA A 247 13.52 -2.46 0.42
C ALA A 247 12.85 -2.10 1.73
N GLN A 248 11.88 -1.18 1.65
CA GLN A 248 11.24 -0.61 2.83
C GLN A 248 9.77 -0.98 2.85
N TYR A 249 9.30 -1.49 3.98
CA TYR A 249 7.88 -1.69 4.20
C TYR A 249 7.28 -0.45 4.85
N LYS A 250 5.96 -0.36 4.82
CA LYS A 250 5.26 0.85 5.24
C LYS A 250 3.86 0.44 5.67
N CYS A 251 3.63 0.36 6.98
CA CYS A 251 2.39 -0.22 7.48
C CYS A 251 1.99 0.38 8.83
N PRO A 252 0.88 1.11 8.90
CA PRO A 252 0.36 1.53 10.20
C PRO A 252 -0.21 0.35 10.98
N VAL A 253 -0.20 0.49 12.30
CA VAL A 253 -0.76 -0.54 13.18
C VAL A 253 -1.84 -0.01 14.10
N ALA A 254 -1.84 1.28 14.44
CA ALA A 254 -2.92 1.87 15.22
C ALA A 254 -2.94 3.37 14.92
N MET A 255 -4.14 3.95 14.97
CA MET A 255 -4.30 5.34 14.56
C MET A 255 -5.44 5.96 15.37
N GLU A 256 -5.27 7.23 15.71
CA GLU A 256 -6.32 8.03 16.32
C GLU A 256 -6.44 9.33 15.54
N GLU A 257 -7.66 9.65 15.12
CA GLU A 257 -7.94 10.87 14.39
C GLU A 257 -8.83 11.76 15.25
N ALA A 258 -8.30 12.91 15.67
CA ALA A 258 -9.02 13.87 16.47
C ALA A 258 -9.38 15.07 15.61
N ASP A 259 -10.62 15.55 15.75
CA ASP A 259 -11.08 16.69 14.97
C ASP A 259 -10.69 18.00 15.64
N ASP A 260 -9.74 17.95 16.56
CA ASP A 260 -9.30 19.15 17.26
C ASP A 260 -8.66 20.13 16.29
N THR A 261 -8.83 21.42 16.57
CA THR A 261 -8.33 22.48 15.71
C THR A 261 -7.71 23.56 16.58
N VAL A 262 -7.06 24.53 15.93
CA VAL A 262 -6.45 25.66 16.61
C VAL A 262 -6.77 26.93 15.84
N ALA A 263 -7.26 27.94 16.55
CA ALA A 263 -7.54 29.21 15.92
C ALA A 263 -6.26 29.98 15.68
N PRO A 264 -6.26 30.94 14.75
CA PRO A 264 -5.06 31.74 14.51
C PRO A 264 -4.56 32.40 15.79
N SER A 265 -3.25 32.38 15.98
CA SER A 265 -2.61 32.95 17.17
C SER A 265 -3.21 32.35 18.44
N SER A 266 -3.03 31.04 18.59
CA SER A 266 -3.55 30.32 19.73
C SER A 266 -2.70 29.08 19.96
N THR A 267 -2.86 28.47 21.14
CA THR A 267 -2.09 27.30 21.54
C THR A 267 -3.04 26.18 21.92
N PHE A 268 -2.56 24.95 21.77
CA PHE A 268 -3.35 23.75 22.01
C PHE A 268 -2.44 22.67 22.56
N CYS A 269 -2.94 21.91 23.52
CA CYS A 269 -2.10 20.93 24.22
C CYS A 269 -2.99 19.87 24.84
N LYS A 270 -2.71 18.61 24.53
CA LYS A 270 -3.39 17.49 25.16
C LYS A 270 -2.53 16.25 24.99
N VAL A 271 -2.91 15.18 25.68
CA VAL A 271 -2.18 13.92 25.66
C VAL A 271 -3.11 12.86 25.09
N TYR A 272 -2.64 12.17 24.05
CA TYR A 272 -3.36 11.06 23.45
C TYR A 272 -2.84 9.74 23.99
N THR A 273 -3.51 8.65 23.60
CA THR A 273 -3.14 7.31 24.06
C THR A 273 -3.35 6.33 22.91
N LEU A 274 -2.28 6.05 22.18
CA LEU A 274 -2.30 4.98 21.20
C LEU A 274 -1.92 3.66 21.86
N THR A 275 -2.41 2.56 21.29
CA THR A 275 -2.07 1.25 21.80
C THR A 275 -2.11 0.23 20.67
N PRO A 276 -0.97 -0.13 20.10
CA PRO A 276 -0.98 -1.13 19.02
C PRO A 276 -1.47 -2.49 19.54
N PHE A 277 -2.27 -3.16 18.72
CA PHE A 277 -2.68 -4.52 19.01
C PHE A 277 -3.04 -5.21 17.72
N LEU A 278 -3.04 -6.54 17.76
CA LEU A 278 -3.19 -7.34 16.55
C LEU A 278 -4.64 -7.64 16.21
N ALA A 279 -5.58 -7.32 17.10
CA ALA A 279 -6.96 -7.73 16.87
C ALA A 279 -7.53 -7.12 15.59
N ASN A 280 -7.35 -5.80 15.42
CA ASN A 280 -7.90 -5.12 14.27
C ASN A 280 -6.92 -5.03 13.10
N ASN A 281 -5.69 -5.54 13.26
CA ASN A 281 -4.68 -5.49 12.22
C ASN A 281 -4.53 -6.81 11.48
N ARG A 282 -5.50 -7.73 11.63
CA ARG A 282 -5.39 -9.03 10.97
C ARG A 282 -5.33 -8.88 9.46
N GLU A 283 -6.16 -8.01 8.89
CA GLU A 283 -6.31 -7.93 7.44
C GLU A 283 -5.06 -7.40 6.75
N LYS A 284 -4.12 -6.82 7.48
CA LYS A 284 -2.96 -6.17 6.87
C LYS A 284 -1.94 -7.25 6.48
N ARG A 285 -1.99 -7.66 5.22
CA ARG A 285 -0.99 -8.59 4.71
C ARG A 285 0.38 -7.93 4.67
N GLY A 286 1.42 -8.71 4.96
CA GLY A 286 2.77 -8.20 5.00
C GLY A 286 3.18 -7.60 6.32
N LEU A 287 2.28 -7.53 7.30
CA LEU A 287 2.63 -7.04 8.61
C LEU A 287 3.58 -8.01 9.31
N ALA A 288 4.49 -7.48 10.11
CA ALA A 288 5.51 -8.31 10.74
C ALA A 288 5.02 -8.83 12.09
N LEU A 289 5.08 -10.15 12.27
CA LEU A 289 4.72 -10.81 13.51
C LEU A 289 5.94 -11.50 14.09
N ASP A 290 5.98 -11.62 15.41
CA ASP A 290 7.10 -12.28 16.06
C ASP A 290 7.18 -13.73 15.63
N GLY A 291 8.40 -14.26 15.57
CA GLY A 291 8.62 -15.58 15.02
C GLY A 291 7.83 -16.64 15.76
N LYS A 292 7.12 -17.49 15.02
CA LYS A 292 6.36 -18.57 15.62
C LYS A 292 7.18 -19.86 15.64
N LEU A 293 6.91 -20.71 16.63
CA LEU A 293 7.44 -22.06 16.65
C LEU A 293 6.57 -23.04 15.87
N LYS A 294 5.36 -22.64 15.51
CA LYS A 294 4.42 -23.48 14.78
C LYS A 294 3.35 -22.57 14.20
N HIS A 295 2.26 -23.16 13.71
CA HIS A 295 1.16 -22.36 13.19
C HIS A 295 0.29 -21.88 14.35
N GLU A 296 0.87 -21.15 15.28
CA GLU A 296 0.15 -20.60 16.42
C GLU A 296 -0.12 -19.12 16.18
N ASP A 297 -0.61 -18.42 17.20
CA ASP A 297 -0.86 -16.99 17.14
C ASP A 297 0.17 -16.25 17.98
N THR A 298 0.69 -15.15 17.43
CA THR A 298 1.78 -14.43 18.08
C THR A 298 1.58 -12.93 17.89
N ASN A 299 2.19 -12.15 18.78
CA ASN A 299 1.99 -10.71 18.81
C ASN A 299 2.70 -10.03 17.65
N LEU A 300 2.51 -8.72 17.55
CA LEU A 300 3.21 -7.93 16.54
C LEU A 300 4.71 -8.05 16.72
N ALA A 301 5.43 -8.08 15.60
CA ALA A 301 6.87 -8.26 15.66
C ALA A 301 7.50 -7.18 16.54
N SER A 302 8.18 -7.62 17.59
CA SER A 302 8.89 -6.69 18.44
C SER A 302 10.05 -6.07 17.67
N SER A 303 10.44 -4.86 18.09
CA SER A 303 11.53 -4.16 17.42
C SER A 303 12.80 -5.00 17.45
N THR A 304 13.73 -4.68 16.56
CA THR A 304 15.00 -5.38 16.46
C THR A 304 16.12 -4.45 16.89
N LEU A 305 17.03 -4.96 17.72
CA LEU A 305 18.17 -4.18 18.21
C LEU A 305 19.39 -4.52 17.35
N LEU A 306 19.79 -3.58 16.51
CA LEU A 306 20.96 -3.79 15.67
C LEU A 306 22.23 -3.80 16.53
N ARG A 307 23.22 -4.57 16.08
CA ARG A 307 24.46 -4.69 16.83
C ARG A 307 25.25 -3.40 16.74
N GLU A 308 25.56 -2.81 17.89
CA GLU A 308 26.34 -1.57 17.95
C GLU A 308 25.66 -0.49 17.12
N GLY A 309 26.34 0.64 16.95
CA GLY A 309 25.80 1.73 16.16
C GLY A 309 26.03 1.62 14.68
N ALA A 310 26.81 0.64 14.24
CA ALA A 310 27.10 0.51 12.81
C ALA A 310 25.83 0.19 12.02
N ASN A 311 25.10 -0.85 12.44
CA ASN A 311 23.85 -1.24 11.77
C ASN A 311 24.07 -1.43 10.28
N ARG A 312 25.17 -2.08 9.90
CA ARG A 312 25.56 -2.22 8.51
C ARG A 312 25.45 -3.67 8.08
N GLU A 313 24.78 -3.89 6.94
CA GLU A 313 24.70 -5.20 6.30
C GLU A 313 24.12 -6.25 7.23
N ILE A 314 22.85 -6.04 7.57
CA ILE A 314 22.06 -7.02 8.31
C ILE A 314 21.02 -7.58 7.36
N LEU A 315 21.02 -8.90 7.20
CA LEU A 315 20.17 -9.55 6.21
C LEU A 315 18.75 -9.69 6.75
N GLY A 316 17.93 -10.46 6.05
CA GLY A 316 16.61 -10.78 6.54
C GLY A 316 15.75 -9.54 6.73
N ILE A 317 14.93 -9.56 7.76
CA ILE A 317 13.95 -8.50 8.03
C ILE A 317 14.33 -7.80 9.31
N ILE A 318 14.34 -6.47 9.27
CA ILE A 318 14.62 -5.63 10.44
C ILE A 318 13.39 -4.77 10.68
N VAL A 319 12.85 -4.83 11.89
CA VAL A 319 11.59 -4.18 12.25
C VAL A 319 11.89 -3.02 13.18
N SER A 320 11.21 -1.90 12.97
CA SER A 320 11.34 -0.74 13.85
C SER A 320 10.06 0.07 13.81
N TYR A 321 9.82 0.84 14.86
CA TYR A 321 8.58 1.58 15.03
C TYR A 321 8.87 3.06 15.23
N LYS A 322 7.93 3.89 14.77
CA LYS A 322 7.90 5.29 15.13
C LYS A 322 6.48 5.80 14.93
N VAL A 323 6.13 6.84 15.69
CA VAL A 323 4.77 7.36 15.74
C VAL A 323 4.74 8.71 15.04
N LYS A 324 3.75 8.90 14.19
CA LYS A 324 3.64 10.09 13.35
C LYS A 324 2.55 11.01 13.90
N VAL A 325 2.89 12.28 14.08
CA VAL A 325 1.94 13.31 14.49
C VAL A 325 1.77 14.26 13.31
N LYS A 326 0.56 14.36 12.79
CA LYS A 326 0.27 15.12 11.59
C LYS A 326 -0.87 16.10 11.83
N LEU A 327 -0.73 17.29 11.27
CA LEU A 327 -1.74 18.35 11.38
C LEU A 327 -2.26 18.67 9.99
N VAL A 328 -3.59 18.73 9.86
CA VAL A 328 -4.23 19.06 8.59
C VAL A 328 -4.46 20.56 8.53
N VAL A 329 -3.45 21.32 8.11
CA VAL A 329 -3.56 22.76 8.04
C VAL A 329 -4.49 23.16 6.90
N ASP A 342 0.01 20.48 4.77
CA ASP A 342 -0.06 19.78 6.04
C ASP A 342 1.32 19.67 6.68
N VAL A 343 1.34 19.53 8.00
CA VAL A 343 2.58 19.46 8.76
C VAL A 343 2.58 18.16 9.55
N ALA A 344 3.73 17.50 9.58
CA ALA A 344 3.84 16.22 10.27
C ALA A 344 5.22 16.07 10.88
N VAL A 345 5.29 15.22 11.90
CA VAL A 345 6.54 14.91 12.58
C VAL A 345 6.47 13.46 13.02
N GLU A 346 7.61 12.78 12.99
CA GLU A 346 7.70 11.36 13.32
C GLU A 346 8.63 11.18 14.51
N LEU A 347 8.31 10.20 15.35
CA LEU A 347 8.99 10.04 16.64
C LEU A 347 9.23 8.57 16.92
N PRO A 348 10.48 8.12 17.07
CA PRO A 348 10.73 6.69 17.25
C PRO A 348 10.49 6.22 18.67
N PHE A 349 10.30 4.90 18.80
CA PHE A 349 10.18 4.25 20.09
C PHE A 349 10.45 2.77 19.91
N THR A 350 10.63 2.08 21.03
CA THR A 350 10.98 0.65 21.05
C THR A 350 9.82 -0.15 21.61
N LEU A 351 9.56 -1.31 21.01
CA LEU A 351 8.40 -2.14 21.32
C LEU A 351 8.84 -3.60 21.43
N MET A 352 9.13 -4.06 22.66
CA MET A 352 9.56 -5.43 22.85
C MET A 352 9.23 -5.88 24.27
N HIS A 353 9.17 -7.20 24.45
CA HIS A 353 8.78 -7.76 25.72
C HIS A 353 9.86 -7.54 26.78
N PRO A 354 9.52 -7.63 28.05
CA PRO A 354 10.54 -7.62 29.09
C PRO A 354 11.25 -8.96 29.16
N LYS A 355 12.41 -8.96 29.80
CA LYS A 355 13.15 -10.19 29.97
C LYS A 355 12.46 -11.07 31.02
N PRO A 356 12.01 -12.27 30.66
CA PRO A 356 11.35 -13.12 31.67
C PRO A 356 12.31 -13.50 32.78
N LYS A 357 11.75 -13.69 33.97
CA LYS A 357 12.53 -14.05 35.14
C LYS A 357 13.06 -15.48 35.02
N VAL B 5 -4.53 -0.94 40.18
CA VAL B 5 -3.92 -2.19 40.69
C VAL B 5 -4.98 -3.28 40.85
N GLN B 6 -6.15 -2.88 41.32
CA GLN B 6 -7.21 -3.82 41.66
C GLN B 6 -8.29 -3.86 40.59
N LEU B 7 -9.21 -4.79 40.74
CA LEU B 7 -10.39 -4.91 39.89
C LEU B 7 -11.63 -4.63 40.72
N VAL B 8 -12.42 -3.65 40.31
CA VAL B 8 -13.66 -3.29 40.98
C VAL B 8 -14.80 -3.92 40.20
N GLU B 9 -15.61 -4.70 40.92
CA GLU B 9 -16.68 -5.47 40.24
C GLU B 9 -18.01 -5.16 40.89
N SER B 10 -19.07 -5.04 40.09
CA SER B 10 -20.40 -4.71 40.58
C SER B 10 -21.43 -5.11 39.52
N GLY B 11 -22.68 -5.26 39.97
CA GLY B 11 -23.77 -5.55 39.06
C GLY B 11 -24.54 -6.81 39.39
N GLY B 12 -24.40 -7.30 40.62
CA GLY B 12 -25.10 -8.51 41.01
C GLY B 12 -26.56 -8.27 41.31
N GLY B 13 -27.32 -9.37 41.42
CA GLY B 13 -28.72 -9.26 41.75
C GLY B 13 -29.41 -10.61 41.66
N LEU B 14 -30.74 -10.56 41.64
CA LEU B 14 -31.59 -11.74 41.57
C LEU B 14 -32.45 -11.67 40.31
N VAL B 15 -32.52 -12.78 39.58
CA VAL B 15 -33.34 -12.88 38.38
C VAL B 15 -33.90 -14.29 38.29
N GLN B 16 -35.21 -14.41 38.13
CA GLN B 16 -35.86 -15.71 38.03
C GLN B 16 -35.54 -16.34 36.68
N PRO B 17 -35.75 -17.64 36.53
CA PRO B 17 -35.35 -18.31 35.28
C PRO B 17 -35.95 -17.63 34.07
N GLY B 18 -35.16 -17.56 33.00
CA GLY B 18 -35.54 -16.86 31.80
C GLY B 18 -35.13 -15.40 31.78
N GLY B 19 -34.64 -14.87 32.88
CA GLY B 19 -34.20 -13.49 32.92
C GLY B 19 -32.78 -13.33 32.41
N SER B 20 -32.34 -12.08 32.37
CA SER B 20 -30.98 -11.75 31.97
C SER B 20 -30.43 -10.68 32.89
N LEU B 21 -29.13 -10.76 33.15
CA LEU B 21 -28.46 -9.83 34.05
C LEU B 21 -27.12 -9.47 33.46
N ARG B 22 -26.58 -8.33 33.86
CA ARG B 22 -25.33 -7.80 33.33
C ARG B 22 -24.37 -7.55 34.49
N LEU B 23 -23.18 -8.12 34.39
CA LEU B 23 -22.10 -7.88 35.33
C LEU B 23 -21.00 -7.08 34.67
N SER B 24 -20.30 -6.28 35.48
CA SER B 24 -19.22 -5.44 34.98
C SER B 24 -18.00 -5.62 35.88
N CYS B 25 -16.83 -5.51 35.26
CA CYS B 25 -15.55 -5.63 35.97
C CYS B 25 -14.71 -4.43 35.58
N ALA B 26 -14.70 -3.40 36.43
CA ALA B 26 -13.99 -2.17 36.12
C ALA B 26 -12.53 -2.31 36.54
N ALA B 27 -11.64 -2.39 35.57
CA ALA B 27 -10.22 -2.53 35.86
C ALA B 27 -9.62 -1.18 36.22
N SER B 28 -8.45 -1.24 36.86
CA SER B 28 -7.75 -0.03 37.26
C SER B 28 -6.27 -0.38 37.44
N GLY B 29 -5.40 0.41 36.82
CA GLY B 29 -3.98 0.16 36.93
C GLY B 29 -3.40 -0.68 35.81
N PHE B 30 -4.22 -1.14 34.88
CA PHE B 30 -3.71 -1.82 33.70
C PHE B 30 -4.77 -1.79 32.61
N ASN B 31 -4.32 -1.96 31.37
CA ASN B 31 -5.16 -1.90 30.20
C ASN B 31 -5.66 -3.28 29.84
N VAL B 32 -6.82 -3.34 29.17
CA VAL B 32 -7.37 -4.60 28.72
C VAL B 32 -6.64 -5.15 27.51
N TYR B 33 -5.71 -4.38 26.93
CA TYR B 33 -4.90 -4.86 25.82
C TYR B 33 -3.68 -5.65 26.26
N SER B 34 -3.08 -5.29 27.39
CA SER B 34 -1.98 -6.05 27.94
C SER B 34 -2.44 -7.16 28.86
N SER B 35 -3.74 -7.39 28.97
CA SER B 35 -4.29 -8.34 29.92
C SER B 35 -5.52 -9.00 29.32
N SER B 36 -5.89 -10.13 29.91
CA SER B 36 -7.09 -10.86 29.51
C SER B 36 -7.92 -11.12 30.75
N ILE B 37 -9.22 -10.80 30.67
CA ILE B 37 -10.11 -10.82 31.82
C ILE B 37 -10.96 -12.07 31.75
N HIS B 38 -10.97 -12.84 32.83
CA HIS B 38 -11.70 -14.10 32.91
C HIS B 38 -12.74 -14.01 34.01
N TRP B 39 -13.93 -14.53 33.74
CA TRP B 39 -15.01 -14.59 34.72
C TRP B 39 -15.04 -15.99 35.31
N VAL B 40 -14.83 -16.07 36.63
CA VAL B 40 -14.59 -17.34 37.29
C VAL B 40 -15.58 -17.48 38.44
N ARG B 41 -16.66 -18.23 38.22
CA ARG B 41 -17.71 -18.28 39.23
C ARG B 41 -17.39 -19.34 40.27
N GLN B 42 -18.28 -19.45 41.26
CA GLN B 42 -18.17 -20.45 42.31
C GLN B 42 -19.55 -20.65 42.93
N ALA B 43 -20.19 -21.78 42.63
CA ALA B 43 -21.49 -22.06 43.20
C ALA B 43 -21.37 -22.15 44.73
N PRO B 44 -22.44 -21.84 45.46
CA PRO B 44 -22.35 -21.82 46.92
C PRO B 44 -21.98 -23.19 47.47
N GLY B 45 -20.82 -23.26 48.12
CA GLY B 45 -20.35 -24.48 48.72
C GLY B 45 -19.67 -25.45 47.78
N LYS B 46 -19.59 -25.13 46.49
CA LYS B 46 -18.96 -26.00 45.51
C LYS B 46 -17.62 -25.40 45.08
N GLY B 47 -17.00 -26.02 44.07
CA GLY B 47 -15.70 -25.59 43.62
C GLY B 47 -15.79 -24.58 42.50
N LEU B 48 -14.62 -24.05 42.14
CA LEU B 48 -14.54 -23.01 41.13
C LEU B 48 -14.88 -23.56 39.75
N GLU B 49 -15.32 -22.68 38.86
CA GLU B 49 -15.59 -23.05 37.48
C GLU B 49 -15.43 -21.82 36.60
N TRP B 50 -14.61 -21.94 35.57
CA TRP B 50 -14.38 -20.85 34.64
C TRP B 50 -15.48 -20.81 33.60
N VAL B 51 -16.07 -19.63 33.39
CA VAL B 51 -17.30 -19.52 32.63
C VAL B 51 -17.15 -18.68 31.36
N ALA B 52 -16.18 -17.78 31.32
CA ALA B 52 -15.97 -16.98 30.12
C ALA B 52 -14.65 -16.23 30.24
N SER B 53 -14.12 -15.84 29.10
CA SER B 53 -12.86 -15.11 29.07
C SER B 53 -12.78 -14.26 27.81
N ILE B 54 -12.07 -13.15 27.90
CA ILE B 54 -11.86 -12.23 26.79
C ILE B 54 -10.40 -11.82 26.79
N SER B 55 -9.80 -11.77 25.59
CA SER B 55 -8.42 -11.33 25.41
C SER B 55 -8.45 -10.27 24.31
N SER B 56 -8.51 -9.01 24.72
CA SER B 56 -8.72 -7.93 23.77
C SER B 56 -7.58 -7.78 22.78
N TYR B 57 -6.35 -8.16 23.14
CA TYR B 57 -5.25 -7.97 22.21
C TYR B 57 -5.47 -8.75 20.93
N TYR B 58 -5.91 -10.00 21.03
CA TYR B 58 -6.20 -10.79 19.85
C TYR B 58 -7.66 -10.70 19.43
N GLY B 59 -8.55 -10.40 20.36
CA GLY B 59 -9.96 -10.33 20.06
C GLY B 59 -10.74 -11.62 20.27
N TYR B 60 -10.08 -12.68 20.71
CA TYR B 60 -10.77 -13.94 20.95
C TYR B 60 -11.58 -13.88 22.24
N THR B 61 -12.69 -14.59 22.25
CA THR B 61 -13.51 -14.77 23.44
C THR B 61 -13.84 -16.25 23.60
N TYR B 62 -13.70 -16.75 24.82
CA TYR B 62 -13.89 -18.17 25.10
C TYR B 62 -14.98 -18.34 26.14
N TYR B 63 -15.81 -19.35 25.94
CA TYR B 63 -16.92 -19.63 26.85
C TYR B 63 -16.90 -21.09 27.23
N ALA B 64 -17.32 -21.38 28.46
CA ALA B 64 -17.44 -22.76 28.90
C ALA B 64 -18.62 -23.43 28.22
N ASP B 65 -18.58 -24.76 28.14
CA ASP B 65 -19.63 -25.49 27.46
C ASP B 65 -20.99 -25.26 28.11
N SER B 66 -21.02 -25.22 29.45
CA SER B 66 -22.28 -25.02 30.16
C SER B 66 -22.91 -23.66 29.87
N VAL B 67 -22.16 -22.71 29.31
CA VAL B 67 -22.70 -21.39 29.02
C VAL B 67 -22.40 -21.00 27.58
N LYS B 68 -22.17 -22.01 26.73
CA LYS B 68 -21.89 -21.73 25.33
C LYS B 68 -23.12 -21.13 24.66
N GLY B 69 -22.98 -19.91 24.14
CA GLY B 69 -24.06 -19.25 23.45
C GLY B 69 -25.01 -18.50 24.37
N ARG B 70 -25.26 -19.06 25.55
CA ARG B 70 -26.15 -18.40 26.51
C ARG B 70 -25.57 -17.05 26.93
N PHE B 71 -24.27 -16.99 27.21
CA PHE B 71 -23.61 -15.80 27.71
C PHE B 71 -22.89 -15.07 26.57
N THR B 72 -22.56 -13.81 26.84
CA THR B 72 -21.77 -13.01 25.92
C THR B 72 -20.90 -12.06 26.72
N ILE B 73 -19.63 -11.99 26.33
CA ILE B 73 -18.62 -11.21 27.04
C ILE B 73 -18.04 -10.17 26.10
N SER B 74 -17.85 -8.96 26.61
CA SER B 74 -17.27 -7.88 25.82
C SER B 74 -16.67 -6.87 26.79
N ALA B 75 -15.87 -5.96 26.24
CA ALA B 75 -15.23 -4.94 27.04
C ALA B 75 -14.84 -3.77 26.14
N ASP B 76 -15.25 -2.56 26.54
CA ASP B 76 -14.84 -1.36 25.82
C ASP B 76 -13.43 -1.03 26.27
N THR B 77 -12.57 -0.65 25.32
CA THR B 77 -11.18 -0.43 25.64
C THR B 77 -10.89 1.00 26.07
N SER B 78 -11.83 1.92 25.82
CA SER B 78 -11.63 3.30 26.24
C SER B 78 -11.55 3.43 27.75
N LYS B 79 -12.43 2.74 28.47
CA LYS B 79 -12.47 2.79 29.92
C LYS B 79 -12.08 1.46 30.57
N ASN B 80 -11.60 0.49 29.79
CA ASN B 80 -11.03 -0.76 30.29
C ASN B 80 -11.91 -1.39 31.37
N THR B 81 -13.19 -1.56 31.08
CA THR B 81 -14.10 -2.33 31.91
C THR B 81 -14.76 -3.38 31.05
N ALA B 82 -14.85 -4.60 31.57
CA ALA B 82 -15.39 -5.74 30.83
C ALA B 82 -16.76 -6.10 31.37
N TYR B 83 -17.68 -6.42 30.45
CA TYR B 83 -19.04 -6.78 30.80
C TYR B 83 -19.29 -8.22 30.39
N LEU B 84 -20.16 -8.89 31.15
CA LEU B 84 -20.63 -10.23 30.83
C LEU B 84 -22.14 -10.22 30.83
N GLN B 85 -22.75 -10.61 29.71
CA GLN B 85 -24.19 -10.63 29.56
C GLN B 85 -24.69 -12.06 29.71
N MET B 86 -25.47 -12.31 30.75
CA MET B 86 -26.08 -13.61 30.99
C MET B 86 -27.52 -13.57 30.52
N ASN B 87 -27.92 -14.56 29.72
CA ASN B 87 -29.27 -14.67 29.20
C ASN B 87 -29.85 -16.03 29.55
N SER B 88 -31.13 -16.03 29.91
CA SER B 88 -31.84 -17.26 30.26
C SER B 88 -31.18 -17.94 31.46
N LEU B 89 -31.15 -17.21 32.57
CA LEU B 89 -30.55 -17.74 33.79
C LEU B 89 -31.32 -18.97 34.26
N ARG B 90 -30.63 -19.84 35.00
CA ARG B 90 -31.23 -21.01 35.58
C ARG B 90 -30.78 -21.16 37.02
N ALA B 91 -31.35 -22.16 37.71
CA ALA B 91 -31.00 -22.38 39.11
C ALA B 91 -29.53 -22.76 39.28
N GLU B 92 -29.01 -23.60 38.38
CA GLU B 92 -27.64 -24.06 38.53
C GLU B 92 -26.62 -22.94 38.32
N ASP B 93 -27.05 -21.79 37.78
CA ASP B 93 -26.13 -20.68 37.57
C ASP B 93 -25.88 -19.85 38.82
N THR B 94 -26.68 -20.02 39.87
CA THR B 94 -26.46 -19.25 41.08
C THR B 94 -25.05 -19.50 41.59
N ALA B 95 -24.32 -18.42 41.83
CA ALA B 95 -22.92 -18.53 42.24
C ALA B 95 -22.38 -17.14 42.48
N VAL B 96 -21.17 -17.08 43.02
CA VAL B 96 -20.39 -15.86 43.03
C VAL B 96 -19.64 -15.77 41.71
N TYR B 97 -19.43 -14.55 41.22
CA TYR B 97 -18.90 -14.39 39.87
C TYR B 97 -17.59 -13.62 39.81
N TYR B 98 -16.63 -14.01 40.64
CA TYR B 98 -15.33 -13.35 40.68
C TYR B 98 -14.82 -13.02 39.29
N CYS B 99 -14.46 -11.76 39.08
CA CYS B 99 -13.69 -11.36 37.93
C CYS B 99 -12.20 -11.61 38.20
N ALA B 100 -11.43 -11.79 37.13
CA ALA B 100 -10.02 -12.11 37.30
C ALA B 100 -9.22 -11.61 36.11
N ARG B 101 -7.92 -11.53 36.30
CA ARG B 101 -6.99 -10.97 35.33
C ARG B 101 -5.87 -11.96 35.06
N SER B 102 -5.63 -12.24 33.78
CA SER B 102 -4.53 -13.10 33.35
C SER B 102 -3.60 -12.33 32.43
N ARG B 103 -2.31 -12.35 32.75
CA ARG B 103 -1.34 -11.63 31.94
C ARG B 103 -1.38 -12.09 30.50
N GLN B 104 -1.37 -11.14 29.57
CA GLN B 104 -1.50 -11.52 28.17
C GLN B 104 -0.18 -12.07 27.61
N PHE B 105 0.95 -11.60 28.10
CA PHE B 105 2.27 -12.02 27.61
C PHE B 105 3.13 -12.41 28.82
N TRP B 106 3.00 -13.65 29.29
CA TRP B 106 2.00 -14.62 28.82
C TRP B 106 1.27 -15.16 30.03
N TYR B 107 0.28 -16.01 29.79
CA TYR B 107 -0.57 -16.50 30.86
C TYR B 107 0.26 -17.03 32.01
N SER B 108 -0.07 -16.58 33.23
CA SER B 108 0.64 -17.05 34.41
C SER B 108 -0.29 -17.23 35.60
N GLY B 109 -1.55 -17.55 35.35
CA GLY B 109 -2.53 -17.69 36.40
C GLY B 109 -3.31 -16.40 36.62
N LEU B 110 -4.44 -16.55 37.32
CA LEU B 110 -5.33 -15.44 37.59
C LEU B 110 -4.83 -14.70 38.82
N ASP B 111 -3.85 -13.82 38.62
CA ASP B 111 -3.14 -13.21 39.73
C ASP B 111 -3.95 -12.14 40.45
N TYR B 112 -4.86 -11.44 39.77
CA TYR B 112 -5.71 -10.43 40.38
C TYR B 112 -7.17 -10.82 40.22
N TRP B 113 -7.93 -10.73 41.30
CA TRP B 113 -9.32 -11.16 41.32
C TRP B 113 -10.23 -10.00 41.70
N GLY B 114 -11.47 -10.07 41.22
CA GLY B 114 -12.45 -9.07 41.61
C GLY B 114 -12.91 -9.30 43.02
N GLN B 115 -14.20 -9.07 43.29
CA GLN B 115 -14.74 -9.30 44.63
C GLN B 115 -15.93 -10.25 44.64
N GLY B 116 -16.47 -10.64 43.49
CA GLY B 116 -17.48 -11.67 43.48
C GLY B 116 -18.91 -11.27 43.82
N THR B 117 -19.53 -10.47 42.97
CA THR B 117 -20.96 -10.22 43.11
C THR B 117 -21.73 -11.53 43.10
N LEU B 118 -22.98 -11.48 43.54
CA LEU B 118 -23.84 -12.66 43.60
C LEU B 118 -24.77 -12.71 42.40
N VAL B 119 -25.24 -13.93 42.11
CA VAL B 119 -26.33 -14.18 41.17
C VAL B 119 -27.20 -15.27 41.77
N THR B 120 -28.52 -15.10 41.67
CA THR B 120 -29.47 -16.03 42.28
C THR B 120 -30.60 -16.29 41.31
N VAL B 121 -31.34 -17.36 41.57
CA VAL B 121 -32.42 -17.77 40.67
C VAL B 121 -33.79 -17.44 41.25
N SER C 1 -10.05 -30.55 25.08
CA SER C 1 -11.26 -31.09 25.74
C SER C 1 -11.14 -30.99 27.26
N ASP C 2 -12.14 -31.52 27.96
CA ASP C 2 -12.15 -31.46 29.41
C ASP C 2 -10.97 -32.25 29.98
N ILE C 3 -10.42 -31.75 31.08
CA ILE C 3 -9.30 -32.39 31.76
C ILE C 3 -9.60 -32.45 33.24
N GLN C 4 -10.16 -33.57 33.70
CA GLN C 4 -10.57 -33.68 35.10
C GLN C 4 -9.35 -33.63 36.00
N MET C 5 -9.27 -32.61 36.85
CA MET C 5 -8.18 -32.49 37.81
C MET C 5 -8.62 -33.14 39.12
N THR C 6 -8.46 -34.46 39.17
CA THR C 6 -8.84 -35.20 40.37
C THR C 6 -7.89 -34.83 41.50
N GLN C 7 -8.35 -33.93 42.39
CA GLN C 7 -7.55 -33.46 43.51
C GLN C 7 -7.94 -34.22 44.76
N SER C 8 -6.94 -34.53 45.58
CA SER C 8 -7.16 -35.29 46.80
C SER C 8 -6.07 -34.93 47.79
N PRO C 9 -6.33 -35.09 49.10
CA PRO C 9 -7.59 -35.52 49.70
C PRO C 9 -8.65 -34.42 49.71
N SER C 10 -9.92 -34.80 49.65
CA SER C 10 -11.01 -33.84 49.61
C SER C 10 -11.20 -33.17 50.96
N SER C 11 -10.45 -33.61 51.97
CA SER C 11 -10.48 -32.99 53.28
C SER C 11 -9.28 -33.50 54.09
N LEU C 12 -8.76 -32.64 54.95
CA LEU C 12 -7.66 -33.03 55.82
C LEU C 12 -7.59 -32.05 56.98
N SER C 13 -6.76 -32.41 57.98
CA SER C 13 -6.51 -31.55 59.12
C SER C 13 -5.07 -31.75 59.58
N ALA C 14 -4.49 -30.71 60.15
CA ALA C 14 -3.13 -30.78 60.68
C ALA C 14 -2.90 -29.63 61.64
N SER C 15 -2.10 -29.89 62.67
CA SER C 15 -1.82 -28.87 63.68
C SER C 15 -0.84 -27.84 63.14
N VAL C 16 -0.78 -26.69 63.83
CA VAL C 16 0.14 -25.65 63.44
C VAL C 16 1.57 -26.16 63.58
N GLY C 17 2.37 -25.94 62.55
CA GLY C 17 3.73 -26.43 62.51
C GLY C 17 3.90 -27.76 61.82
N ASP C 18 2.82 -28.48 61.53
CA ASP C 18 2.92 -29.76 60.86
C ASP C 18 2.99 -29.56 59.35
N ARG C 19 3.76 -30.40 58.68
CA ARG C 19 3.89 -30.30 57.24
C ARG C 19 2.72 -31.00 56.55
N VAL C 20 2.17 -30.33 55.55
CA VAL C 20 0.99 -30.84 54.84
C VAL C 20 1.29 -30.86 53.35
N THR C 21 0.78 -31.89 52.68
CA THR C 21 0.94 -32.07 51.24
C THR C 21 -0.42 -32.31 50.62
N ILE C 22 -0.65 -31.68 49.46
CA ILE C 22 -1.88 -31.85 48.70
C ILE C 22 -1.51 -32.28 47.30
N THR C 23 -2.17 -33.33 46.81
CA THR C 23 -1.83 -33.92 45.52
C THR C 23 -2.95 -33.68 44.52
N CYS C 24 -2.56 -33.52 43.26
CA CYS C 24 -3.47 -33.16 42.19
C CYS C 24 -2.99 -33.84 40.92
N ARG C 25 -3.78 -34.76 40.41
CA ARG C 25 -3.46 -35.50 39.19
C ARG C 25 -4.23 -34.91 38.02
N ALA C 26 -3.57 -34.80 36.87
CA ALA C 26 -4.22 -34.35 35.66
C ALA C 26 -4.59 -35.57 34.81
N SER C 27 -5.86 -35.65 34.42
CA SER C 27 -6.33 -36.77 33.60
C SER C 27 -5.69 -36.81 32.24
N GLN C 28 -4.83 -35.84 31.93
CA GLN C 28 -4.07 -35.86 30.68
C GLN C 28 -2.82 -35.01 30.89
N SER C 29 -1.80 -35.29 30.09
CA SER C 29 -0.55 -34.54 30.20
C SER C 29 -0.81 -33.06 29.96
N VAL C 30 -0.59 -32.25 30.99
CA VAL C 30 -0.78 -30.81 30.90
C VAL C 30 0.57 -30.08 31.00
N SER C 31 1.66 -30.78 30.73
CA SER C 31 2.99 -30.20 30.82
C SER C 31 3.20 -29.64 32.23
N SER C 32 3.89 -28.50 32.34
CA SER C 32 4.13 -27.85 33.62
C SER C 32 3.18 -26.69 33.88
N ALA C 33 1.97 -26.74 33.30
CA ALA C 33 1.02 -25.63 33.40
C ALA C 33 -0.04 -25.95 34.45
N VAL C 34 0.29 -25.62 35.69
CA VAL C 34 -0.63 -25.77 36.81
C VAL C 34 -0.39 -24.62 37.78
N ALA C 35 -1.44 -24.20 38.46
CA ALA C 35 -1.35 -23.13 39.44
C ALA C 35 -2.23 -23.47 40.64
N TRP C 36 -1.82 -22.99 41.81
CA TRP C 36 -2.49 -23.31 43.06
C TRP C 36 -3.04 -22.04 43.70
N TYR C 37 -4.27 -22.15 44.20
CA TYR C 37 -5.02 -21.01 44.74
C TYR C 37 -5.37 -21.26 46.19
N GLN C 38 -5.44 -20.18 46.96
CA GLN C 38 -5.93 -20.20 48.33
C GLN C 38 -7.20 -19.37 48.41
N GLN C 39 -8.29 -19.97 48.87
CA GLN C 39 -9.57 -19.29 49.02
C GLN C 39 -9.96 -19.30 50.48
N LYS C 40 -9.87 -18.15 51.13
CA LYS C 40 -10.37 -18.04 52.48
C LYS C 40 -11.88 -18.17 52.46
N PRO C 41 -12.51 -18.45 53.60
CA PRO C 41 -13.95 -18.70 53.60
C PRO C 41 -14.72 -17.49 53.07
N GLY C 42 -15.35 -17.67 51.92
CA GLY C 42 -16.29 -16.70 51.39
C GLY C 42 -15.68 -15.54 50.60
N LYS C 43 -14.37 -15.49 50.49
CA LYS C 43 -13.71 -14.38 49.81
C LYS C 43 -12.98 -14.85 48.56
N ALA C 44 -12.54 -13.89 47.77
CA ALA C 44 -12.00 -14.20 46.46
C ALA C 44 -10.72 -15.02 46.59
N PRO C 45 -10.51 -16.03 45.74
CA PRO C 45 -9.27 -16.81 45.79
C PRO C 45 -8.03 -15.94 45.64
N LYS C 46 -6.86 -16.55 45.85
CA LYS C 46 -5.58 -15.86 45.76
C LYS C 46 -4.56 -16.79 45.12
N LEU C 47 -3.77 -16.27 44.20
CA LEU C 47 -2.81 -17.09 43.48
C LEU C 47 -1.52 -17.24 44.28
N LEU C 48 -1.02 -18.47 44.36
CA LEU C 48 0.22 -18.80 45.06
C LEU C 48 1.30 -19.32 44.13
N ILE C 49 1.01 -20.39 43.39
CA ILE C 49 1.99 -21.06 42.53
C ILE C 49 1.50 -21.02 41.10
N TYR C 50 2.41 -20.79 40.16
CA TYR C 50 2.12 -20.91 38.75
C TYR C 50 3.25 -21.67 38.09
N SER C 51 2.96 -22.24 36.91
CA SER C 51 3.88 -23.15 36.22
C SER C 51 4.17 -24.38 37.08
N ALA C 52 3.34 -24.61 38.09
CA ALA C 52 3.40 -25.81 38.93
C ALA C 52 4.62 -25.82 39.85
N SER C 53 5.53 -24.87 39.70
CA SER C 53 6.68 -24.81 40.61
C SER C 53 7.00 -23.39 41.06
N SER C 54 6.62 -22.40 40.26
CA SER C 54 7.07 -21.03 40.51
C SER C 54 6.29 -20.41 41.66
N LEU C 55 7.00 -19.75 42.57
CA LEU C 55 6.35 -19.10 43.70
C LEU C 55 6.01 -17.66 43.34
N TYR C 56 4.76 -17.27 43.59
CA TYR C 56 4.30 -15.93 43.27
C TYR C 56 4.93 -14.93 44.24
N SER C 57 4.81 -13.64 43.90
CA SER C 57 5.31 -12.60 44.77
C SER C 57 4.40 -12.42 45.98
N GLY C 58 5.01 -12.12 47.12
CA GLY C 58 4.26 -11.86 48.33
C GLY C 58 3.96 -13.10 49.15
N VAL C 59 3.62 -14.20 48.49
CA VAL C 59 3.26 -15.41 49.22
C VAL C 59 4.45 -15.89 50.04
N PRO C 60 4.26 -16.42 51.24
CA PRO C 60 5.42 -16.87 52.03
C PRO C 60 6.13 -18.03 51.37
N SER C 61 7.41 -18.21 51.74
CA SER C 61 8.19 -19.31 51.21
C SER C 61 7.66 -20.67 51.65
N ARG C 62 6.75 -20.68 52.63
CA ARG C 62 6.26 -21.95 53.17
C ARG C 62 5.52 -22.76 52.11
N PHE C 63 5.06 -22.13 51.05
CA PHE C 63 4.38 -22.83 49.96
C PHE C 63 5.38 -23.18 48.87
N SER C 64 5.42 -24.46 48.50
CA SER C 64 6.32 -24.93 47.45
C SER C 64 5.59 -25.95 46.59
N GLY C 65 5.81 -25.85 45.28
CA GLY C 65 5.21 -26.80 44.35
C GLY C 65 6.17 -27.88 43.91
N SER C 66 5.68 -28.75 43.02
CA SER C 66 6.50 -29.82 42.46
C SER C 66 5.67 -30.54 41.41
N ARG C 67 6.36 -31.25 40.51
CA ARG C 67 5.72 -31.98 39.44
C ARG C 67 6.34 -33.37 39.31
N SER C 68 5.51 -34.32 38.89
CA SER C 68 5.98 -35.65 38.50
C SER C 68 4.99 -36.20 37.47
N GLY C 69 5.32 -36.09 36.20
CA GLY C 69 4.45 -36.55 35.15
C GLY C 69 3.11 -35.84 35.16
N THR C 70 2.02 -36.60 35.24
CA THR C 70 0.69 -36.02 35.37
C THR C 70 0.27 -35.81 36.80
N ASP C 71 1.17 -36.05 37.76
CA ASP C 71 0.89 -35.89 39.18
C ASP C 71 1.55 -34.61 39.66
N PHE C 72 0.75 -33.71 40.23
CA PHE C 72 1.24 -32.46 40.79
C PHE C 72 0.99 -32.43 42.28
N THR C 73 1.89 -31.77 43.02
CA THR C 73 1.80 -31.69 44.47
C THR C 73 2.05 -30.26 44.94
N LEU C 74 1.30 -29.85 45.94
CA LEU C 74 1.53 -28.61 46.67
C LEU C 74 1.79 -28.95 48.12
N THR C 75 2.90 -28.45 48.67
CA THR C 75 3.33 -28.82 50.00
C THR C 75 3.57 -27.56 50.82
N ILE C 76 3.02 -27.53 52.03
CA ILE C 76 3.21 -26.44 52.96
C ILE C 76 4.25 -26.87 53.98
N SER C 77 5.38 -26.15 54.02
CA SER C 77 6.50 -26.57 54.87
C SER C 77 6.11 -26.59 56.34
N SER C 78 5.26 -25.67 56.78
CA SER C 78 4.78 -25.66 58.17
C SER C 78 3.47 -24.90 58.21
N LEU C 79 2.37 -25.60 58.46
CA LEU C 79 1.06 -24.97 58.44
C LEU C 79 0.93 -24.00 59.60
N GLN C 80 0.31 -22.86 59.33
CA GLN C 80 0.17 -21.76 60.27
C GLN C 80 -1.30 -21.51 60.54
N PRO C 81 -1.63 -20.80 61.61
CA PRO C 81 -3.04 -20.60 61.96
C PRO C 81 -3.84 -19.87 60.90
N GLU C 82 -3.18 -19.09 60.03
CA GLU C 82 -3.87 -18.37 58.96
C GLU C 82 -3.90 -19.14 57.66
N ASP C 83 -3.35 -20.35 57.63
CA ASP C 83 -3.29 -21.15 56.41
C ASP C 83 -4.49 -22.06 56.23
N PHE C 84 -5.37 -22.14 57.22
CA PHE C 84 -6.56 -22.99 57.14
C PHE C 84 -7.52 -22.37 56.14
N ALA C 85 -7.70 -23.03 55.00
CA ALA C 85 -8.55 -22.53 53.93
C ALA C 85 -8.79 -23.66 52.95
N THR C 86 -9.38 -23.32 51.81
CA THR C 86 -9.62 -24.26 50.72
C THR C 86 -8.67 -23.94 49.58
N TYR C 87 -7.89 -24.93 49.17
CA TYR C 87 -6.89 -24.77 48.12
C TYR C 87 -7.37 -25.46 46.85
N TYR C 88 -7.20 -24.80 45.71
CA TYR C 88 -7.72 -25.29 44.43
C TYR C 88 -6.58 -25.48 43.45
N CYS C 89 -6.61 -26.61 42.74
CA CYS C 89 -5.63 -26.92 41.73
C CYS C 89 -6.17 -26.53 40.36
N GLN C 90 -5.39 -25.73 39.62
CA GLN C 90 -5.82 -25.27 38.30
C GLN C 90 -4.76 -25.61 37.27
N GLN C 91 -5.20 -26.15 36.14
CA GLN C 91 -4.35 -26.27 34.96
C GLN C 91 -4.74 -25.22 33.94
N TYR C 92 -3.76 -24.80 33.13
CA TYR C 92 -4.05 -23.86 32.06
C TYR C 92 -3.30 -24.16 30.77
N LYS C 93 -3.01 -25.42 30.45
CA LYS C 93 -2.39 -25.70 29.16
C LYS C 93 -3.43 -25.82 28.06
N TYR C 94 -4.64 -26.26 28.40
CA TYR C 94 -5.74 -26.36 27.45
C TYR C 94 -6.91 -25.55 27.96
N VAL C 95 -7.56 -24.82 27.05
CA VAL C 95 -8.88 -24.28 27.35
C VAL C 95 -9.86 -25.45 27.22
N PRO C 96 -10.89 -25.55 28.06
CA PRO C 96 -11.20 -24.64 29.15
C PRO C 96 -10.34 -24.86 30.38
N VAL C 97 -9.91 -23.77 31.02
CA VAL C 97 -9.19 -23.89 32.28
C VAL C 97 -10.07 -24.62 33.27
N THR C 98 -9.52 -25.64 33.91
CA THR C 98 -10.30 -26.49 34.81
C THR C 98 -9.69 -26.46 36.21
N PHE C 99 -10.54 -26.36 37.22
CA PHE C 99 -10.13 -26.26 38.61
C PHE C 99 -10.40 -27.58 39.32
N GLY C 100 -9.60 -27.87 40.33
CA GLY C 100 -9.84 -29.04 41.16
C GLY C 100 -11.06 -28.86 42.05
N GLN C 101 -11.42 -29.95 42.74
CA GLN C 101 -12.57 -29.89 43.63
C GLN C 101 -12.22 -29.26 44.98
N GLY C 102 -10.95 -29.14 45.31
CA GLY C 102 -10.53 -28.44 46.50
C GLY C 102 -10.35 -29.35 47.70
N THR C 103 -9.55 -28.88 48.65
CA THR C 103 -9.20 -29.63 49.85
C THR C 103 -9.24 -28.68 51.04
N LYS C 104 -10.31 -28.71 51.81
CA LYS C 104 -10.42 -27.82 52.96
C LYS C 104 -9.50 -28.31 54.07
N VAL C 105 -8.64 -27.42 54.55
CA VAL C 105 -7.73 -27.73 55.64
C VAL C 105 -8.36 -27.24 56.93
N GLU C 106 -8.41 -28.12 57.94
CA GLU C 106 -9.14 -27.87 59.17
C GLU C 106 -8.18 -27.80 60.34
N ILE C 107 -8.59 -27.04 61.36
CA ILE C 107 -7.79 -26.84 62.55
C ILE C 107 -7.66 -28.14 63.32
N CYS D 10 6.25 -36.70 16.71
CA CYS D 10 5.99 -35.32 17.20
C CYS D 10 6.87 -34.98 18.40
N SEP D 11 6.91 -33.68 18.69
CA SEP D 11 7.79 -33.19 19.77
CB SEP D 11 7.85 -31.69 19.71
OG SEP D 11 7.33 -31.25 18.43
C SEP D 11 7.26 -33.67 21.09
O SEP D 11 6.09 -34.05 21.14
P SEP D 11 8.06 -30.01 17.69
O1P SEP D 11 7.98 -28.85 18.65
O2P SEP D 11 7.28 -29.76 16.42
O3P SEP D 11 9.48 -30.46 17.44
N GLU D 12 8.11 -33.64 22.11
CA GLU D 12 7.64 -33.99 23.45
C GLU D 12 8.47 -33.25 24.49
N SEP D 13 8.45 -33.75 25.72
CA SEP D 13 9.19 -33.15 26.82
CB SEP D 13 8.27 -32.24 27.62
OG SEP D 13 7.17 -32.99 28.11
C SEP D 13 9.76 -34.23 27.71
O SEP D 13 9.28 -35.36 27.70
P SEP D 13 6.17 -32.05 28.94
O1P SEP D 13 5.34 -31.13 27.91
O2P SEP D 13 7.03 -31.13 29.94
O3P SEP D 13 5.16 -32.98 29.78
N SEP D 14 10.75 -33.88 28.51
CA SEP D 14 11.28 -34.86 29.49
CB SEP D 14 12.18 -35.87 28.84
OG SEP D 14 12.38 -36.95 29.75
C SEP D 14 12.00 -34.12 30.61
O SEP D 14 12.59 -33.08 30.32
P SEP D 14 12.17 -38.43 29.20
O1P SEP D 14 10.92 -38.95 29.87
O2P SEP D 14 12.02 -38.29 27.70
O3P SEP D 14 13.42 -39.20 29.59
N ILE D 15 11.95 -34.66 31.81
CA ILE D 15 12.53 -33.92 32.98
C ILE D 15 13.96 -34.42 33.17
N LEU D 16 14.93 -33.52 33.13
CA LEU D 16 16.34 -33.96 33.21
C LEU D 16 16.40 -35.10 34.21
N THR E 6 -1.08 14.21 -46.70
CA THR E 6 -0.82 13.82 -45.29
C THR E 6 0.66 13.69 -45.02
N ARG E 7 1.00 13.26 -43.80
CA ARG E 7 2.39 13.07 -43.40
C ARG E 7 2.57 11.68 -42.82
N VAL E 8 3.73 11.10 -43.07
CA VAL E 8 4.06 9.75 -42.61
C VAL E 8 5.34 9.83 -41.79
N PHE E 9 5.48 8.88 -40.86
CA PHE E 9 6.67 8.82 -40.04
C PHE E 9 7.73 7.96 -40.73
N LYS E 10 8.94 7.99 -40.18
CA LYS E 10 10.03 7.19 -40.70
C LYS E 10 11.16 7.18 -39.70
N LYS E 11 12.07 6.22 -39.87
CA LYS E 11 13.32 6.21 -39.13
C LYS E 11 14.37 5.55 -39.99
N ALA E 12 15.51 6.21 -40.14
CA ALA E 12 16.60 5.71 -40.96
C ALA E 12 17.63 5.04 -40.07
N SER E 13 18.05 3.84 -40.46
CA SER E 13 19.04 3.12 -39.67
C SER E 13 20.35 3.90 -39.64
N PRO E 14 21.13 3.78 -38.58
CA PRO E 14 22.45 4.42 -38.59
C PRO E 14 23.29 3.99 -39.78
N ASN E 15 23.14 2.75 -40.23
CA ASN E 15 23.79 2.31 -41.46
C ASN E 15 23.37 3.17 -42.64
N GLY E 16 22.14 3.69 -42.63
CA GLY E 16 21.66 4.54 -43.70
C GLY E 16 21.04 3.82 -44.87
N LYS E 17 21.26 2.52 -45.01
CA LYS E 17 20.73 1.78 -46.14
C LYS E 17 19.36 1.15 -45.87
N LEU E 18 18.88 1.21 -44.63
CA LEU E 18 17.59 0.64 -44.27
C LEU E 18 16.77 1.70 -43.56
N THR E 19 15.58 1.99 -44.09
CA THR E 19 14.65 2.95 -43.51
C THR E 19 13.25 2.36 -43.53
N VAL E 20 12.50 2.60 -42.46
CA VAL E 20 11.17 2.05 -42.28
C VAL E 20 10.16 3.19 -42.22
N TYR E 21 9.07 3.06 -42.96
CA TYR E 21 8.02 4.08 -43.02
C TYR E 21 6.74 3.54 -42.40
N LEU E 22 5.99 4.43 -41.75
CA LEU E 22 4.74 4.08 -41.12
C LEU E 22 3.70 5.15 -41.40
N GLY E 23 2.45 4.72 -41.56
CA GLY E 23 1.37 5.67 -41.75
C GLY E 23 0.96 6.39 -40.48
N LYS E 24 0.99 5.69 -39.35
CA LYS E 24 0.63 6.29 -38.08
C LYS E 24 1.27 5.49 -36.95
N ARG E 25 1.45 6.15 -35.81
CA ARG E 25 2.11 5.55 -34.66
C ARG E 25 1.17 4.96 -33.64
N ASP E 26 -0.07 5.45 -33.56
CA ASP E 26 -1.06 4.96 -32.62
C ASP E 26 -2.13 4.21 -33.38
N PHE E 27 -2.35 2.94 -33.02
CA PHE E 27 -3.32 2.09 -33.69
C PHE E 27 -4.48 1.81 -32.75
N VAL E 28 -5.69 2.13 -33.21
CA VAL E 28 -6.87 2.01 -32.35
C VAL E 28 -7.25 0.55 -32.22
N ASP E 29 -7.97 0.24 -31.14
CA ASP E 29 -8.50 -1.09 -30.88
C ASP E 29 -10.02 -0.97 -30.75
N HIS E 30 -10.74 -1.78 -31.51
CA HIS E 30 -12.21 -1.77 -31.50
C HIS E 30 -12.79 -2.95 -30.72
N ILE E 31 -12.11 -3.41 -29.68
CA ILE E 31 -12.56 -4.54 -28.86
C ILE E 31 -12.37 -5.84 -29.61
N ASP E 32 -12.89 -5.92 -30.83
CA ASP E 32 -12.83 -7.15 -31.62
C ASP E 32 -11.72 -7.16 -32.66
N LEU E 33 -11.22 -5.99 -33.07
CA LEU E 33 -10.18 -5.91 -34.08
C LEU E 33 -9.20 -4.84 -33.69
N VAL E 34 -7.98 -4.95 -34.24
CA VAL E 34 -6.93 -3.97 -34.05
C VAL E 34 -6.42 -3.56 -35.41
N ASP E 35 -6.22 -2.26 -35.60
CA ASP E 35 -5.85 -1.77 -36.91
C ASP E 35 -4.54 -2.40 -37.35
N PRO E 36 -4.40 -2.80 -38.61
CA PRO E 36 -3.21 -3.53 -39.03
C PRO E 36 -2.00 -2.60 -39.11
N VAL E 37 -0.93 -2.97 -38.43
CA VAL E 37 0.32 -2.24 -38.53
C VAL E 37 0.92 -2.52 -39.90
N ASP E 38 1.20 -1.47 -40.66
CA ASP E 38 1.72 -1.65 -42.01
C ASP E 38 2.50 -0.42 -42.42
N GLY E 39 3.30 -0.60 -43.47
CA GLY E 39 4.16 0.45 -44.00
C GLY E 39 5.00 -0.07 -45.13
N VAL E 40 6.25 0.38 -45.21
CA VAL E 40 7.18 -0.08 -46.22
C VAL E 40 8.59 0.06 -45.68
N VAL E 41 9.51 -0.72 -46.25
CA VAL E 41 10.93 -0.62 -45.96
C VAL E 41 11.65 -0.30 -47.25
N LEU E 42 12.53 0.70 -47.20
CA LEU E 42 13.32 1.11 -48.35
C LEU E 42 14.71 0.49 -48.23
N VAL E 43 15.07 -0.33 -49.21
CA VAL E 43 16.35 -1.03 -49.19
C VAL E 43 16.96 -1.02 -50.58
N ASP E 44 18.28 -1.18 -50.63
CA ASP E 44 19.03 -1.26 -51.88
C ASP E 44 19.97 -2.46 -51.82
N PRO E 45 20.28 -3.07 -52.97
CA PRO E 45 21.07 -4.31 -52.94
C PRO E 45 22.53 -4.11 -52.56
N GLU E 46 23.21 -3.15 -53.18
CA GLU E 46 24.65 -3.02 -52.98
C GLU E 46 25.03 -2.74 -51.53
N TYR E 47 24.21 -1.97 -50.81
CA TYR E 47 24.44 -1.79 -49.38
C TYR E 47 23.96 -2.98 -48.56
N LEU E 48 23.32 -3.96 -49.22
CA LEU E 48 22.76 -5.12 -48.54
C LEU E 48 23.75 -6.29 -48.63
N LYS E 49 24.75 -6.24 -47.76
CA LYS E 49 25.73 -7.33 -47.70
C LYS E 49 25.18 -8.52 -46.91
N GLU E 50 24.13 -8.31 -46.11
CA GLU E 50 23.56 -9.38 -45.31
C GLU E 50 22.58 -10.25 -46.07
N ARG E 51 22.24 -9.88 -47.31
CA ARG E 51 21.56 -10.77 -48.24
C ARG E 51 20.07 -10.96 -47.95
N ARG E 52 19.54 -10.31 -46.90
CA ARG E 52 18.11 -10.41 -46.64
C ARG E 52 17.70 -9.39 -45.58
N VAL E 53 16.44 -8.98 -45.63
CA VAL E 53 15.90 -7.93 -44.77
C VAL E 53 14.62 -8.44 -44.12
N TYR E 54 14.48 -8.18 -42.82
CA TYR E 54 13.37 -8.68 -42.04
C TYR E 54 12.69 -7.54 -41.30
N VAL E 55 11.47 -7.82 -40.83
CA VAL E 55 10.73 -6.96 -39.94
C VAL E 55 10.16 -7.83 -38.82
N THR E 56 10.02 -7.22 -37.64
CA THR E 56 9.66 -7.99 -36.45
C THR E 56 8.86 -7.09 -35.52
N LEU E 57 7.58 -7.40 -35.35
CA LEU E 57 6.75 -6.71 -34.37
C LEU E 57 6.85 -7.43 -33.03
N THR E 58 7.16 -6.67 -31.98
CA THR E 58 7.37 -7.22 -30.65
C THR E 58 6.40 -6.58 -29.67
N CYS E 59 5.72 -7.40 -28.88
CA CYS E 59 4.88 -6.94 -27.79
C CYS E 59 5.48 -7.43 -26.49
N ALA E 60 5.99 -6.52 -25.67
CA ALA E 60 6.76 -6.86 -24.50
C ALA E 60 6.02 -6.40 -23.24
N PHE E 61 6.29 -7.08 -22.14
CA PHE E 61 5.70 -6.76 -20.83
C PHE E 61 6.82 -6.71 -19.81
N ARG E 62 7.45 -5.54 -19.67
CA ARG E 62 8.60 -5.41 -18.79
C ARG E 62 8.19 -5.02 -17.38
N TYR E 63 7.92 -6.02 -16.55
CA TYR E 63 7.54 -5.80 -15.17
C TYR E 63 8.78 -5.52 -14.34
N GLY E 64 8.68 -5.67 -13.02
CA GLY E 64 9.76 -5.27 -12.14
C GLY E 64 9.33 -4.39 -10.99
N ARG E 65 8.09 -4.55 -10.54
CA ARG E 65 7.57 -3.75 -9.43
C ARG E 65 8.39 -3.98 -8.17
N GLU E 66 8.01 -3.25 -7.10
CA GLU E 66 8.82 -3.20 -5.89
C GLU E 66 9.08 -4.59 -5.31
N ASP E 67 8.14 -5.52 -5.48
CA ASP E 67 8.30 -6.84 -4.89
C ASP E 67 9.60 -7.50 -5.36
N LEU E 68 10.00 -7.25 -6.60
CA LEU E 68 11.25 -7.76 -7.15
C LEU E 68 12.38 -6.75 -7.04
N ASP E 69 12.13 -5.58 -6.46
CA ASP E 69 13.20 -4.62 -6.25
C ASP E 69 14.31 -5.23 -5.40
N VAL E 70 13.94 -5.90 -4.31
CA VAL E 70 14.87 -6.79 -3.64
C VAL E 70 15.20 -7.93 -4.59
N LEU E 71 16.40 -8.47 -4.44
CA LEU E 71 16.98 -9.46 -5.36
C LEU E 71 17.45 -8.80 -6.65
N GLY E 72 17.10 -7.52 -6.86
CA GLY E 72 17.64 -6.76 -7.96
C GLY E 72 17.12 -7.12 -9.34
N LEU E 73 16.60 -8.33 -9.50
CA LEU E 73 16.30 -8.84 -10.83
C LEU E 73 14.97 -8.29 -11.35
N THR E 74 14.95 -7.95 -12.63
CA THR E 74 13.74 -7.56 -13.34
C THR E 74 13.59 -8.46 -14.57
N PHE E 75 12.35 -8.63 -15.03
CA PHE E 75 12.09 -9.56 -16.10
C PHE E 75 11.16 -8.94 -17.13
N ARG E 76 11.22 -9.48 -18.35
CA ARG E 76 10.32 -9.12 -19.42
C ARG E 76 10.01 -10.36 -20.25
N LYS E 77 8.76 -10.51 -20.64
CA LYS E 77 8.31 -11.60 -21.48
C LYS E 77 7.61 -11.04 -22.71
N ASP E 78 7.99 -11.51 -23.89
CA ASP E 78 7.37 -11.07 -25.13
C ASP E 78 6.01 -11.73 -25.26
N LEU E 79 4.94 -10.96 -25.02
CA LEU E 79 3.59 -11.50 -25.07
C LEU E 79 3.16 -11.85 -26.48
N PHE E 80 3.85 -11.34 -27.49
CA PHE E 80 3.48 -11.62 -28.88
C PHE E 80 4.62 -11.17 -29.78
N VAL E 81 5.03 -12.04 -30.69
CA VAL E 81 6.08 -11.74 -31.66
C VAL E 81 5.67 -12.29 -33.00
N ALA E 82 5.82 -11.48 -34.04
CA ALA E 82 5.53 -11.89 -35.41
C ALA E 82 6.58 -11.28 -36.32
N ASN E 83 6.99 -12.05 -37.33
CA ASN E 83 8.02 -11.62 -38.27
C ASN E 83 7.50 -11.74 -39.70
N VAL E 84 8.14 -11.02 -40.60
CA VAL E 84 7.80 -11.04 -42.02
C VAL E 84 9.07 -10.80 -42.83
N GLN E 85 9.15 -11.45 -43.98
CA GLN E 85 10.29 -11.32 -44.87
C GLN E 85 10.00 -10.29 -45.95
N SER E 86 10.94 -9.35 -46.14
CA SER E 86 10.66 -8.22 -47.01
C SER E 86 11.50 -8.18 -48.28
N PHE E 87 12.84 -8.11 -48.16
CA PHE E 87 13.64 -7.83 -49.34
C PHE E 87 13.53 -8.95 -50.37
N PRO E 88 13.80 -10.20 -50.04
CA PRO E 88 13.36 -11.29 -50.89
C PRO E 88 11.89 -11.58 -50.65
N PRO E 89 11.01 -11.19 -51.57
CA PRO E 89 9.58 -11.31 -51.28
C PRO E 89 9.19 -12.77 -51.04
N ALA E 90 8.54 -13.01 -49.92
CA ALA E 90 8.11 -14.34 -49.55
C ALA E 90 6.65 -14.55 -49.96
N PRO E 91 6.34 -15.59 -50.74
CA PRO E 91 4.93 -15.79 -51.13
C PRO E 91 4.01 -16.01 -49.94
N GLU E 92 4.52 -16.55 -48.83
CA GLU E 92 3.70 -16.77 -47.65
C GLU E 92 3.19 -15.47 -47.06
N ASP E 93 3.86 -14.35 -47.32
CA ASP E 93 3.47 -13.05 -46.81
C ASP E 93 2.70 -12.22 -47.83
N LYS E 94 2.40 -12.78 -49.00
CA LYS E 94 1.79 -12.02 -50.08
C LYS E 94 0.38 -11.60 -49.68
N LYS E 95 0.17 -10.28 -49.55
CA LYS E 95 -1.13 -9.74 -49.22
C LYS E 95 -1.37 -8.47 -50.04
N PRO E 96 -2.62 -8.18 -50.42
CA PRO E 96 -2.88 -6.93 -51.14
C PRO E 96 -2.51 -5.72 -50.32
N LEU E 97 -1.95 -4.71 -50.99
CA LEU E 97 -1.41 -3.54 -50.31
C LEU E 97 -2.50 -2.55 -49.97
N THR E 98 -2.32 -1.85 -48.86
CA THR E 98 -3.24 -0.77 -48.49
C THR E 98 -2.98 0.46 -49.36
N ARG E 99 -3.90 1.42 -49.27
CA ARG E 99 -3.72 2.65 -50.02
C ARG E 99 -2.44 3.37 -49.60
N LEU E 100 -2.18 3.46 -48.29
CA LEU E 100 -0.97 4.13 -47.83
C LEU E 100 0.28 3.42 -48.31
N GLN E 101 0.31 2.09 -48.23
CA GLN E 101 1.49 1.34 -48.64
C GLN E 101 1.79 1.54 -50.12
N GLU E 102 0.76 1.42 -50.97
CA GLU E 102 0.99 1.57 -52.40
C GLU E 102 1.33 3.01 -52.78
N ARG E 103 0.72 3.98 -52.10
CA ARG E 103 1.08 5.37 -52.35
C ARG E 103 2.53 5.62 -51.98
N LEU E 104 2.98 5.08 -50.84
CA LEU E 104 4.39 5.20 -50.48
C LEU E 104 5.28 4.48 -51.48
N ILE E 105 4.82 3.34 -52.00
CA ILE E 105 5.60 2.62 -53.01
C ILE E 105 5.80 3.49 -54.24
N LYS E 106 4.73 4.14 -54.70
CA LYS E 106 4.87 5.05 -55.83
C LYS E 106 5.85 6.17 -55.49
N LYS E 107 5.69 6.78 -54.30
CA LYS E 107 6.56 7.88 -53.92
C LYS E 107 8.03 7.45 -53.91
N LEU E 108 8.29 6.21 -53.50
CA LEU E 108 9.66 5.76 -53.24
C LEU E 108 10.29 5.08 -54.44
N GLY E 109 9.51 4.37 -55.25
CA GLY E 109 10.06 3.63 -56.37
C GLY E 109 10.13 2.15 -56.08
N GLU E 110 10.78 1.44 -57.00
CA GLU E 110 10.85 -0.02 -56.94
C GLU E 110 11.79 -0.53 -55.85
N HIS E 111 12.54 0.36 -55.18
CA HIS E 111 13.51 -0.05 -54.19
C HIS E 111 12.97 -0.03 -52.77
N ALA E 112 11.68 -0.26 -52.59
CA ALA E 112 11.09 -0.38 -51.27
C ALA E 112 10.16 -1.59 -51.26
N TYR E 113 10.02 -2.21 -50.08
CA TYR E 113 9.25 -3.43 -49.95
C TYR E 113 8.30 -3.31 -48.75
N PRO E 114 7.10 -3.88 -48.85
CA PRO E 114 6.11 -3.68 -47.79
C PRO E 114 6.17 -4.75 -46.71
N PHE E 115 5.29 -4.57 -45.72
CA PHE E 115 5.04 -5.55 -44.67
C PHE E 115 3.75 -5.18 -43.96
N THR E 116 3.24 -6.12 -43.16
CA THR E 116 1.97 -5.90 -42.46
C THR E 116 1.76 -6.99 -41.43
N PHE E 117 1.33 -6.60 -40.23
CA PHE E 117 1.05 -7.52 -39.14
C PHE E 117 -0.38 -7.31 -38.68
N GLU E 118 -1.17 -8.37 -38.68
CA GLU E 118 -2.55 -8.31 -38.17
C GLU E 118 -2.52 -8.71 -36.71
N ILE E 119 -2.36 -7.71 -35.84
CA ILE E 119 -2.26 -8.01 -34.41
C ILE E 119 -3.57 -8.66 -33.96
N PRO E 120 -3.55 -9.82 -33.32
CA PRO E 120 -4.80 -10.42 -32.87
C PRO E 120 -5.37 -9.65 -31.70
N PRO E 121 -6.65 -9.83 -31.39
CA PRO E 121 -7.24 -9.10 -30.27
C PRO E 121 -6.77 -9.60 -28.92
N ASN E 122 -7.31 -9.03 -27.86
CA ASN E 122 -7.13 -9.54 -26.50
C ASN E 122 -5.73 -9.30 -25.97
N LEU E 123 -4.83 -8.74 -26.78
CA LEU E 123 -3.52 -8.39 -26.27
C LEU E 123 -3.61 -7.10 -25.45
N PRO E 124 -2.80 -6.97 -24.41
CA PRO E 124 -2.94 -5.80 -23.54
C PRO E 124 -2.60 -4.51 -24.27
N CYS E 125 -3.25 -3.43 -23.83
CA CYS E 125 -3.05 -2.14 -24.44
C CYS E 125 -1.77 -1.49 -23.92
N SER E 126 -1.26 -0.51 -24.67
CA SER E 126 -0.04 0.16 -24.27
C SER E 126 -0.27 0.89 -22.95
N VAL E 127 0.26 0.36 -21.87
CA VAL E 127 0.07 0.92 -20.54
C VAL E 127 1.42 0.96 -19.83
N THR E 128 1.65 2.04 -19.10
CA THR E 128 2.87 2.22 -18.32
C THR E 128 2.49 2.40 -16.85
N LEU E 129 3.32 1.87 -15.96
CA LEU E 129 3.15 2.05 -14.53
C LEU E 129 4.11 3.13 -14.06
N GLN E 130 3.60 4.06 -13.27
CA GLN E 130 4.38 5.22 -12.88
C GLN E 130 5.62 4.78 -12.10
N PRO E 131 6.83 5.12 -12.55
CA PRO E 131 8.02 4.72 -11.79
C PRO E 131 8.13 5.51 -10.49
N GLY E 132 8.79 4.88 -9.51
CA GLY E 132 9.05 5.54 -8.26
C GLY E 132 10.13 6.59 -8.42
N PRO E 133 10.25 7.49 -7.44
CA PRO E 133 11.29 8.53 -7.53
C PRO E 133 12.70 7.98 -7.58
N GLU E 134 12.93 6.78 -7.04
CA GLU E 134 14.27 6.20 -6.99
C GLU E 134 14.58 5.33 -8.20
N ASP E 135 13.62 5.09 -9.09
CA ASP E 135 13.85 4.24 -10.23
C ASP E 135 14.64 4.98 -11.31
N THR E 136 15.46 4.23 -12.04
CA THR E 136 16.24 4.80 -13.13
C THR E 136 16.25 3.94 -14.39
N GLY E 137 15.63 2.77 -14.37
CA GLY E 137 15.59 1.91 -15.53
C GLY E 137 14.48 2.30 -16.49
N LYS E 138 14.33 1.49 -17.52
CA LYS E 138 13.28 1.72 -18.51
C LYS E 138 11.91 1.52 -17.87
N ALA E 139 10.97 2.37 -18.23
CA ALA E 139 9.65 2.35 -17.61
C ALA E 139 8.98 1.01 -17.82
N CYS E 140 8.46 0.44 -16.73
CA CYS E 140 7.80 -0.85 -16.80
C CYS E 140 6.39 -0.69 -17.37
N GLY E 141 5.89 -1.76 -17.97
CA GLY E 141 4.55 -1.77 -18.52
C GLY E 141 4.54 -2.52 -19.83
N VAL E 142 3.38 -2.52 -20.47
CA VAL E 142 3.21 -3.16 -21.77
C VAL E 142 3.49 -2.13 -22.84
N ASP E 143 4.26 -2.52 -23.86
CA ASP E 143 4.53 -1.65 -24.99
C ASP E 143 4.71 -2.48 -26.24
N TYR E 144 4.56 -1.83 -27.39
CA TYR E 144 4.76 -2.44 -28.69
C TYR E 144 5.97 -1.78 -29.35
N GLU E 145 6.69 -2.54 -30.17
CA GLU E 145 7.89 -2.04 -30.82
C GLU E 145 8.06 -2.74 -32.15
N VAL E 146 8.53 -1.98 -33.15
CA VAL E 146 8.69 -2.48 -34.51
C VAL E 146 10.18 -2.49 -34.84
N LYS E 147 10.67 -3.62 -35.33
CA LYS E 147 12.08 -3.82 -35.63
C LYS E 147 12.23 -4.22 -37.09
N ALA E 148 13.17 -3.58 -37.78
CA ALA E 148 13.53 -3.94 -39.13
C ALA E 148 15.04 -4.00 -39.24
N PHE E 149 15.55 -5.06 -39.88
CA PHE E 149 16.98 -5.30 -39.90
C PHE E 149 17.34 -6.11 -41.14
N CYS E 150 18.62 -6.03 -41.51
CA CYS E 150 19.18 -6.86 -42.57
C CYS E 150 20.06 -7.93 -41.93
N ALA E 151 19.84 -9.18 -42.31
CA ALA E 151 20.61 -10.27 -41.73
C ALA E 151 20.54 -11.47 -42.66
N GLU E 152 21.48 -12.40 -42.46
CA GLU E 152 21.50 -13.62 -43.25
C GLU E 152 20.39 -14.57 -42.83
N ASN E 153 20.11 -14.63 -41.54
CA ASN E 153 19.05 -15.49 -41.01
C ASN E 153 18.68 -14.98 -39.62
N LEU E 154 17.60 -15.53 -39.07
CA LEU E 154 17.16 -15.13 -37.74
C LEU E 154 18.21 -15.42 -36.68
N GLU E 155 19.06 -16.44 -36.89
CA GLU E 155 20.07 -16.76 -35.90
C GLU E 155 21.12 -15.67 -35.76
N GLU E 156 21.32 -14.85 -36.79
CA GLU E 156 22.33 -13.81 -36.72
C GLU E 156 21.91 -12.75 -35.71
N LYS E 157 22.87 -12.29 -34.92
CA LYS E 157 22.58 -11.31 -33.88
C LYS E 157 22.22 -9.96 -34.49
N ILE E 158 21.30 -9.25 -33.84
CA ILE E 158 20.92 -7.92 -34.29
C ILE E 158 22.11 -6.99 -34.20
N HIS E 159 22.24 -6.10 -35.18
CA HIS E 159 23.32 -5.13 -35.22
C HIS E 159 22.82 -3.78 -34.75
N LYS E 160 23.39 -3.27 -33.66
CA LYS E 160 23.06 -1.92 -33.22
C LYS E 160 23.54 -0.87 -34.21
N ARG E 161 24.52 -1.20 -35.05
CA ARG E 161 24.98 -0.29 -36.09
C ARG E 161 24.17 -0.41 -37.37
N ASN E 162 23.29 -1.41 -37.48
CA ASN E 162 22.43 -1.56 -38.64
C ASN E 162 21.11 -2.19 -38.18
N SER E 163 20.14 -1.33 -37.89
CA SER E 163 18.81 -1.75 -37.49
C SER E 163 17.98 -0.51 -37.23
N VAL E 164 16.66 -0.66 -37.28
CA VAL E 164 15.73 0.44 -37.05
C VAL E 164 14.79 0.04 -35.93
N ARG E 165 14.70 0.90 -34.91
CA ARG E 165 13.87 0.65 -33.74
C ARG E 165 12.76 1.69 -33.70
N LEU E 166 11.53 1.25 -33.88
CA LEU E 166 10.34 2.09 -33.78
C LEU E 166 9.48 1.61 -32.62
N VAL E 167 8.86 2.56 -31.93
CA VAL E 167 7.90 2.27 -30.88
C VAL E 167 6.55 2.79 -31.30
N ILE E 168 5.57 1.91 -31.37
CA ILE E 168 4.19 2.29 -31.63
C ILE E 168 3.44 2.04 -30.33
N ARG E 169 2.14 2.30 -30.32
CA ARG E 169 1.33 1.95 -29.17
C ARG E 169 -0.07 1.58 -29.61
N LYS E 170 -0.69 0.68 -28.85
CA LYS E 170 -2.04 0.23 -29.10
C LYS E 170 -2.97 0.99 -28.17
N VAL E 171 -3.96 1.67 -28.74
CA VAL E 171 -4.76 2.65 -28.02
C VAL E 171 -6.23 2.31 -28.14
N GLN E 172 -7.01 2.72 -27.14
CA GLN E 172 -8.46 2.51 -27.12
C GLN E 172 -9.15 3.85 -26.91
N TYR E 173 -10.37 3.96 -27.45
CA TYR E 173 -11.12 5.20 -27.44
C TYR E 173 -12.56 4.96 -26.99
N ALA E 174 -13.16 6.02 -26.46
CA ALA E 174 -14.48 5.91 -25.84
C ALA E 174 -15.50 5.41 -26.85
N PRO E 175 -16.40 4.50 -26.46
CA PRO E 175 -17.50 4.14 -27.35
C PRO E 175 -18.38 5.34 -27.65
N GLU E 176 -18.96 5.34 -28.86
CA GLU E 176 -19.80 6.45 -29.28
C GLU E 176 -21.16 6.47 -28.60
N ARG E 177 -21.52 5.41 -27.85
CA ARG E 177 -22.83 5.31 -27.22
C ARG E 177 -22.67 5.02 -25.74
N PRO E 178 -23.31 5.80 -24.87
CA PRO E 178 -23.01 5.70 -23.43
C PRO E 178 -23.75 4.57 -22.75
N GLY E 179 -23.19 4.13 -21.63
CA GLY E 179 -23.79 3.08 -20.84
C GLY E 179 -24.91 3.59 -19.97
N PRO E 180 -25.43 2.70 -19.12
CA PRO E 180 -26.50 3.11 -18.19
C PRO E 180 -25.94 3.89 -17.02
N GLN E 181 -26.78 4.75 -16.46
CA GLN E 181 -26.37 5.54 -15.30
C GLN E 181 -26.12 4.62 -14.12
N PRO E 182 -24.87 4.39 -13.72
CA PRO E 182 -24.61 3.43 -12.64
C PRO E 182 -25.30 3.83 -11.34
N THR E 183 -25.77 2.83 -10.60
CA THR E 183 -26.41 3.04 -9.31
C THR E 183 -26.02 1.91 -8.37
N ALA E 184 -25.93 2.22 -7.08
CA ALA E 184 -25.58 1.23 -6.09
C ALA E 184 -26.10 1.66 -4.73
N GLU E 185 -26.50 0.68 -3.92
CA GLU E 185 -27.04 0.96 -2.60
C GLU E 185 -26.75 -0.23 -1.69
N THR E 186 -26.75 0.04 -0.38
CA THR E 186 -26.52 -0.99 0.62
C THR E 186 -27.33 -0.67 1.87
N THR E 187 -27.88 -1.71 2.48
CA THR E 187 -28.66 -1.58 3.71
C THR E 187 -27.98 -2.39 4.81
N ARG E 188 -27.83 -1.77 5.98
CA ARG E 188 -27.14 -2.39 7.11
C ARG E 188 -28.08 -2.45 8.31
N GLN E 189 -27.85 -3.44 9.16
CA GLN E 189 -28.61 -3.64 10.38
C GLN E 189 -27.65 -3.70 11.56
N PHE E 190 -28.12 -3.22 12.72
CA PHE E 190 -27.26 -3.09 13.89
C PHE E 190 -27.99 -3.63 15.12
N LEU E 191 -27.19 -4.05 16.10
CA LEU E 191 -27.75 -4.57 17.34
C LEU E 191 -28.31 -3.47 18.21
N MET E 192 -27.65 -2.30 18.23
CA MET E 192 -28.09 -1.23 19.10
C MET E 192 -29.50 -0.77 18.76
N SER E 193 -29.85 -0.74 17.47
CA SER E 193 -31.20 -0.42 17.05
C SER E 193 -31.56 -1.31 15.87
N ASP E 194 -32.81 -1.77 15.85
CA ASP E 194 -33.27 -2.72 14.85
C ASP E 194 -33.75 -2.05 13.57
N LYS E 195 -33.34 -0.81 13.32
CA LYS E 195 -33.72 -0.12 12.10
C LYS E 195 -32.52 0.01 11.18
N PRO E 196 -32.73 0.07 9.87
CA PRO E 196 -31.61 0.01 8.92
C PRO E 196 -30.94 1.35 8.71
N LEU E 197 -29.69 1.29 8.25
CA LEU E 197 -28.95 2.43 7.74
C LEU E 197 -28.84 2.26 6.24
N HIS E 198 -29.63 3.04 5.49
CA HIS E 198 -29.80 2.84 4.06
C HIS E 198 -28.97 3.87 3.31
N LEU E 199 -28.08 3.39 2.44
CA LEU E 199 -27.15 4.25 1.71
C LEU E 199 -27.30 4.00 0.22
N GLU E 200 -27.38 5.07 -0.55
CA GLU E 200 -27.42 5.01 -2.00
C GLU E 200 -26.37 5.93 -2.60
N ALA E 201 -25.99 5.65 -3.83
CA ALA E 201 -25.11 6.52 -4.59
C ALA E 201 -25.38 6.30 -6.07
N SER E 202 -25.08 7.32 -6.88
CA SER E 202 -25.32 7.22 -8.31
C SER E 202 -24.58 8.34 -9.03
N LEU E 203 -23.78 7.96 -10.02
CA LEU E 203 -23.16 8.94 -10.89
C LEU E 203 -24.16 9.39 -11.95
N ASP E 204 -23.73 10.32 -12.81
CA ASP E 204 -24.63 10.85 -13.82
C ASP E 204 -24.62 10.05 -15.11
N LYS E 205 -23.46 9.56 -15.53
CA LYS E 205 -23.36 8.81 -16.78
C LYS E 205 -22.21 7.82 -16.68
N GLU E 206 -22.30 6.77 -17.50
CA GLU E 206 -21.36 5.66 -17.40
C GLU E 206 -19.94 6.10 -17.71
N ILE E 207 -19.75 6.89 -18.77
CA ILE E 207 -18.43 7.10 -19.36
C ILE E 207 -18.03 8.56 -19.14
N TYR E 208 -16.83 8.76 -18.60
CA TYR E 208 -16.30 10.08 -18.31
C TYR E 208 -14.96 10.27 -19.01
N TYR E 209 -14.81 11.39 -19.70
CA TYR E 209 -13.55 11.69 -20.36
C TYR E 209 -12.53 12.19 -19.36
N HIS E 210 -11.26 12.17 -19.76
CA HIS E 210 -10.20 12.59 -18.86
C HIS E 210 -10.32 14.08 -18.57
N GLY E 211 -10.09 14.44 -17.31
CA GLY E 211 -10.26 15.81 -16.88
C GLY E 211 -11.67 16.23 -16.59
N GLU E 212 -12.65 15.63 -17.27
CA GLU E 212 -14.04 15.97 -17.00
C GLU E 212 -14.38 15.62 -15.54
N PRO E 213 -15.12 16.49 -14.84
CA PRO E 213 -15.36 16.23 -13.42
C PRO E 213 -16.37 15.11 -13.22
N ILE E 214 -16.08 14.24 -12.25
CA ILE E 214 -17.01 13.20 -11.85
C ILE E 214 -18.01 13.79 -10.87
N SER E 215 -19.28 13.42 -11.01
CA SER E 215 -20.35 13.94 -10.17
C SER E 215 -21.12 12.77 -9.59
N VAL E 216 -21.37 12.81 -8.29
CA VAL E 216 -21.97 11.69 -7.56
C VAL E 216 -23.22 12.18 -6.84
N ASN E 217 -24.35 11.53 -7.10
CA ASN E 217 -25.53 11.71 -6.26
C ASN E 217 -25.43 10.77 -5.06
N VAL E 218 -25.73 11.29 -3.87
CA VAL E 218 -25.67 10.53 -2.64
C VAL E 218 -26.96 10.74 -1.87
N HIS E 219 -27.44 9.69 -1.21
CA HIS E 219 -28.61 9.80 -0.35
C HIS E 219 -28.48 8.80 0.79
N VAL E 220 -28.64 9.29 2.02
CA VAL E 220 -28.50 8.47 3.21
C VAL E 220 -29.75 8.63 4.06
N THR E 221 -30.33 7.50 4.47
CA THR E 221 -31.51 7.47 5.33
C THR E 221 -31.11 6.76 6.62
N ASN E 222 -30.75 7.53 7.65
CA ASN E 222 -30.26 6.97 8.90
C ASN E 222 -31.44 6.82 9.86
N ASN E 223 -32.01 5.62 9.91
CA ASN E 223 -33.05 5.29 10.87
C ASN E 223 -32.49 4.67 12.14
N THR E 224 -31.19 4.51 12.25
CA THR E 224 -30.58 3.92 13.43
C THR E 224 -30.35 4.99 14.50
N ASN E 225 -29.89 4.56 15.66
CA ASN E 225 -29.51 5.47 16.72
C ASN E 225 -28.09 5.99 16.55
N LYS E 226 -27.33 5.45 15.60
CA LYS E 226 -25.95 5.85 15.40
C LYS E 226 -25.88 7.11 14.52
N THR E 227 -24.77 7.83 14.65
CA THR E 227 -24.53 9.06 13.92
C THR E 227 -23.40 8.85 12.92
N VAL E 228 -23.60 9.34 11.70
CA VAL E 228 -22.61 9.21 10.63
C VAL E 228 -21.55 10.27 10.88
N LYS E 229 -20.37 9.83 11.35
CA LYS E 229 -19.32 10.78 11.70
C LYS E 229 -18.84 11.55 10.49
N LYS E 230 -18.64 10.88 9.36
CA LYS E 230 -18.13 11.53 8.16
C LYS E 230 -18.67 10.82 6.94
N ILE E 231 -18.73 11.55 5.83
CA ILE E 231 -19.06 10.99 4.52
C ILE E 231 -17.79 11.02 3.68
N LYS E 232 -17.28 9.85 3.34
CA LYS E 232 -16.04 9.72 2.57
C LYS E 232 -16.37 9.19 1.19
N ILE E 233 -15.93 9.91 0.16
CA ILE E 233 -16.09 9.52 -1.23
C ILE E 233 -14.75 9.61 -1.92
N SER E 234 -14.35 8.54 -2.59
CA SER E 234 -13.07 8.50 -3.28
C SER E 234 -13.19 7.62 -4.51
N VAL E 235 -12.45 7.99 -5.55
CA VAL E 235 -12.40 7.25 -6.81
C VAL E 235 -11.07 6.51 -6.87
N ARG E 236 -11.13 5.21 -7.15
CA ARG E 236 -9.98 4.34 -7.04
C ARG E 236 -9.73 3.62 -8.36
N GLN E 237 -8.46 3.51 -8.73
CA GLN E 237 -8.06 2.91 -10.00
C GLN E 237 -7.59 1.48 -9.75
N TYR E 238 -8.18 0.53 -10.46
CA TYR E 238 -7.81 -0.87 -10.36
C TYR E 238 -6.97 -1.25 -11.58
N ALA E 239 -5.87 -1.95 -11.33
CA ALA E 239 -4.96 -2.39 -12.39
C ALA E 239 -4.68 -3.88 -12.21
N ASP E 240 -5.47 -4.70 -12.89
CA ASP E 240 -5.29 -6.15 -12.80
C ASP E 240 -4.07 -6.56 -13.60
N ILE E 241 -3.14 -7.27 -12.96
CA ILE E 241 -1.92 -7.77 -13.59
C ILE E 241 -1.99 -9.28 -13.60
N CYS E 242 -1.87 -9.87 -14.80
CA CYS E 242 -2.03 -11.32 -14.92
C CYS E 242 -1.13 -11.80 -16.07
N LEU E 243 0.09 -12.20 -15.73
CA LEU E 243 0.97 -12.83 -16.71
C LEU E 243 0.82 -14.35 -16.65
N PHE E 244 1.12 -14.94 -15.50
CA PHE E 244 0.87 -16.36 -15.26
C PHE E 244 -0.36 -16.59 -14.40
N ASN E 245 -0.51 -15.85 -13.31
CA ASN E 245 -1.71 -15.90 -12.49
C ASN E 245 -2.01 -14.50 -11.98
N THR E 246 -3.30 -14.19 -11.89
CA THR E 246 -3.72 -12.82 -11.63
C THR E 246 -3.23 -12.32 -10.28
N ALA E 247 -2.87 -11.04 -10.24
CA ALA E 247 -2.56 -10.33 -9.00
C ALA E 247 -3.26 -8.98 -9.05
N GLN E 248 -3.58 -8.45 -7.87
CA GLN E 248 -4.36 -7.23 -7.74
C GLN E 248 -3.57 -6.17 -6.97
N TYR E 249 -3.71 -4.94 -7.47
CA TYR E 249 -3.08 -3.77 -6.83
C TYR E 249 -4.16 -2.70 -6.84
N LYS E 250 -4.02 -1.66 -6.00
CA LYS E 250 -5.10 -0.69 -5.92
C LYS E 250 -4.53 0.67 -5.54
N CYS E 251 -5.15 1.74 -6.07
CA CYS E 251 -4.71 3.10 -5.80
C CYS E 251 -5.89 4.08 -5.89
N PRO E 252 -6.15 4.87 -4.84
CA PRO E 252 -7.10 5.98 -4.98
C PRO E 252 -6.45 7.17 -5.67
N VAL E 253 -7.10 7.68 -6.71
CA VAL E 253 -6.55 8.79 -7.48
C VAL E 253 -7.13 10.14 -7.06
N ALA E 254 -8.31 10.17 -6.47
CA ALA E 254 -8.88 11.41 -5.96
C ALA E 254 -9.84 11.06 -4.83
N MET E 255 -9.91 11.96 -3.85
CA MET E 255 -10.68 11.71 -2.64
C MET E 255 -11.26 13.04 -2.16
N GLU E 256 -12.40 12.94 -1.47
CA GLU E 256 -13.04 14.10 -0.86
C GLU E 256 -13.71 13.66 0.44
N GLU E 257 -13.06 13.96 1.56
CA GLU E 257 -13.65 13.70 2.86
C GLU E 257 -14.50 14.90 3.28
N ALA E 258 -15.77 14.65 3.53
CA ALA E 258 -16.70 15.68 3.96
C ALA E 258 -17.09 15.45 5.41
N ASP E 259 -17.05 16.51 6.21
CA ASP E 259 -17.45 16.42 7.61
C ASP E 259 -18.95 16.32 7.78
N ASP E 260 -19.70 16.21 6.69
CA ASP E 260 -21.16 16.14 6.81
C ASP E 260 -21.58 14.93 7.61
N THR E 261 -22.65 15.10 8.38
CA THR E 261 -23.22 14.03 9.18
C THR E 261 -24.73 14.03 8.99
N VAL E 262 -25.36 12.94 9.40
CA VAL E 262 -26.81 12.80 9.33
C VAL E 262 -27.31 12.32 10.69
N ALA E 263 -28.29 13.02 11.25
CA ALA E 263 -28.77 12.71 12.58
C ALA E 263 -29.63 11.45 12.57
N PRO E 264 -29.78 10.79 13.72
CA PRO E 264 -30.63 9.60 13.78
C PRO E 264 -32.04 9.90 13.29
N SER E 265 -32.60 8.97 12.52
CA SER E 265 -33.95 9.10 11.97
C SER E 265 -34.07 10.39 11.16
N SER E 266 -33.16 10.54 10.20
CA SER E 266 -33.15 11.71 9.34
C SER E 266 -32.50 11.34 8.02
N THR E 267 -32.76 12.15 7.00
CA THR E 267 -32.28 11.90 5.65
C THR E 267 -31.31 12.99 5.22
N PHE E 268 -30.29 12.61 4.47
CA PHE E 268 -29.27 13.52 3.98
C PHE E 268 -29.05 13.25 2.50
N CYS E 269 -28.87 14.32 1.72
CA CYS E 269 -28.77 14.20 0.28
C CYS E 269 -28.02 15.40 -0.28
N LYS E 270 -26.99 15.13 -1.08
CA LYS E 270 -26.27 16.17 -1.78
C LYS E 270 -25.51 15.54 -2.93
N VAL E 271 -24.95 16.39 -3.78
CA VAL E 271 -24.20 15.96 -4.96
C VAL E 271 -22.75 16.40 -4.79
N TYR E 272 -21.84 15.44 -4.83
CA TYR E 272 -20.42 15.72 -4.74
C TYR E 272 -19.81 15.82 -6.14
N THR E 273 -18.55 16.24 -6.19
CA THR E 273 -17.82 16.30 -7.44
C THR E 273 -16.36 15.97 -7.21
N LEU E 274 -15.84 15.04 -7.99
CA LEU E 274 -14.43 14.69 -7.98
C LEU E 274 -13.92 14.69 -9.42
N THR E 275 -12.66 15.04 -9.58
CA THR E 275 -12.02 15.06 -10.90
C THR E 275 -10.64 14.45 -10.79
N PRO E 276 -10.42 13.21 -11.26
CA PRO E 276 -9.08 12.63 -11.20
C PRO E 276 -8.11 13.39 -12.09
N PHE E 277 -6.94 13.70 -11.54
CA PHE E 277 -5.90 14.35 -12.32
C PHE E 277 -4.54 13.91 -11.80
N LEU E 278 -3.53 14.03 -12.65
CA LEU E 278 -2.22 13.47 -12.36
C LEU E 278 -1.34 14.43 -11.56
N ALA E 279 -1.76 15.68 -11.38
CA ALA E 279 -0.90 16.66 -10.75
C ALA E 279 -0.52 16.24 -9.33
N ASN E 280 -1.52 15.89 -8.52
CA ASN E 280 -1.25 15.52 -7.13
C ASN E 280 -0.96 14.05 -6.95
N ASN E 281 -1.10 13.24 -8.00
CA ASN E 281 -0.84 11.81 -7.92
C ASN E 281 0.55 11.43 -8.39
N ARG E 282 1.44 12.41 -8.56
CA ARG E 282 2.78 12.11 -9.06
C ARG E 282 3.52 11.18 -8.12
N GLU E 283 3.42 11.41 -6.81
CA GLU E 283 4.17 10.61 -5.84
C GLU E 283 3.74 9.15 -5.83
N LYS E 284 2.57 8.84 -6.37
CA LYS E 284 1.98 7.50 -6.25
C LYS E 284 2.75 6.54 -7.16
N ARG E 285 3.68 5.80 -6.57
CA ARG E 285 4.40 4.77 -7.31
C ARG E 285 3.45 3.65 -7.72
N GLY E 286 3.64 3.14 -8.93
CA GLY E 286 2.85 2.04 -9.43
C GLY E 286 1.58 2.44 -10.14
N LEU E 287 1.15 3.69 -10.03
CA LEU E 287 -0.07 4.13 -10.69
C LEU E 287 0.05 3.93 -12.20
N ALA E 288 -1.04 3.51 -12.82
CA ALA E 288 -1.02 3.20 -14.24
C ALA E 288 -1.20 4.47 -15.07
N LEU E 289 -0.29 4.68 -16.02
CA LEU E 289 -0.35 5.80 -16.94
C LEU E 289 -0.48 5.29 -18.36
N ASP E 290 -1.15 6.07 -19.20
CA ASP E 290 -1.37 5.65 -20.58
C ASP E 290 -0.04 5.54 -21.31
N GLY E 291 0.00 4.66 -22.31
CA GLY E 291 1.24 4.32 -22.98
C GLY E 291 1.98 5.52 -23.54
N LYS E 292 3.27 5.61 -23.23
CA LYS E 292 4.10 6.70 -23.72
C LYS E 292 4.98 6.21 -24.87
N LEU E 293 5.20 7.08 -25.86
CA LEU E 293 6.10 6.76 -26.96
C LEU E 293 7.54 7.01 -26.52
N LYS E 294 7.86 8.27 -26.25
CA LYS E 294 9.15 8.63 -25.67
C LYS E 294 8.99 8.77 -24.16
N HIS E 295 10.02 9.31 -23.50
CA HIS E 295 9.92 9.62 -22.09
C HIS E 295 9.14 10.93 -21.90
N GLU E 296 7.93 10.98 -22.46
CA GLU E 296 7.09 12.18 -22.38
C GLU E 296 6.19 12.10 -21.17
N ASP E 297 5.18 12.97 -21.12
CA ASP E 297 4.20 12.99 -20.04
C ASP E 297 2.82 12.67 -20.60
N THR E 298 2.08 11.81 -19.90
CA THR E 298 0.78 11.36 -20.36
C THR E 298 -0.20 11.31 -19.18
N ASN E 299 -1.47 11.11 -19.52
CA ASN E 299 -2.54 11.16 -18.54
C ASN E 299 -2.64 9.82 -17.79
N LEU E 300 -3.55 9.78 -16.83
CA LEU E 300 -3.84 8.53 -16.13
C LEU E 300 -4.31 7.48 -17.12
N ALA E 301 -3.90 6.23 -16.88
CA ALA E 301 -4.25 5.16 -17.80
C ALA E 301 -5.75 5.08 -17.97
N SER E 302 -6.20 5.16 -19.22
CA SER E 302 -7.62 5.06 -19.50
C SER E 302 -8.09 3.62 -19.27
N SER E 303 -9.41 3.47 -19.12
CA SER E 303 -9.98 2.15 -18.90
C SER E 303 -9.75 1.27 -20.11
N THR E 304 -9.68 -0.04 -19.87
CA THR E 304 -9.46 -1.03 -20.92
C THR E 304 -10.79 -1.70 -21.24
N LEU E 305 -11.12 -1.77 -22.53
CA LEU E 305 -12.34 -2.40 -22.99
C LEU E 305 -12.05 -3.87 -23.26
N LEU E 306 -12.45 -4.74 -22.34
CA LEU E 306 -12.23 -6.16 -22.51
C LEU E 306 -13.12 -6.71 -23.62
N ARG E 307 -12.66 -7.77 -24.27
CA ARG E 307 -13.40 -8.35 -25.38
C ARG E 307 -14.64 -9.08 -24.87
N GLU E 308 -15.81 -8.62 -25.32
CA GLU E 308 -17.07 -9.24 -24.94
C GLU E 308 -17.17 -9.38 -23.42
N GLY E 309 -18.08 -10.24 -22.96
CA GLY E 309 -18.23 -10.50 -21.54
C GLY E 309 -17.33 -11.58 -20.99
N ALA E 310 -16.63 -12.31 -21.86
CA ALA E 310 -15.78 -13.40 -21.38
C ALA E 310 -14.67 -12.89 -20.47
N ASN E 311 -13.92 -11.89 -20.93
CA ASN E 311 -12.83 -11.30 -20.15
C ASN E 311 -11.87 -12.37 -19.64
N ARG E 312 -11.56 -13.36 -20.46
CA ARG E 312 -10.78 -14.51 -20.03
C ARG E 312 -9.41 -14.53 -20.71
N GLU E 313 -8.40 -14.96 -19.95
CA GLU E 313 -7.05 -15.17 -20.48
C GLU E 313 -6.50 -13.91 -21.14
N ILE E 314 -6.61 -12.79 -20.46
CA ILE E 314 -5.98 -11.55 -20.89
C ILE E 314 -4.62 -11.45 -20.22
N LEU E 315 -3.65 -10.91 -20.94
CA LEU E 315 -2.29 -10.79 -20.43
C LEU E 315 -1.99 -9.33 -20.09
N GLY E 316 -0.78 -9.09 -19.60
CA GLY E 316 -0.37 -7.72 -19.33
C GLY E 316 -1.20 -7.08 -18.25
N ILE E 317 -1.39 -5.76 -18.36
CA ILE E 317 -2.08 -4.97 -17.35
C ILE E 317 -3.46 -4.59 -17.88
N ILE E 318 -4.47 -4.78 -17.04
CA ILE E 318 -5.84 -4.38 -17.34
C ILE E 318 -6.26 -3.35 -16.30
N VAL E 319 -6.72 -2.19 -16.77
CA VAL E 319 -7.02 -1.06 -15.90
C VAL E 319 -8.53 -0.86 -15.88
N SER E 320 -9.06 -0.59 -14.69
CA SER E 320 -10.48 -0.33 -14.52
C SER E 320 -10.68 0.63 -13.36
N TYR E 321 -11.81 1.33 -13.38
CA TYR E 321 -12.10 2.37 -12.39
C TYR E 321 -13.45 2.12 -11.74
N LYS E 322 -13.53 2.44 -10.44
CA LYS E 322 -14.81 2.54 -9.75
C LYS E 322 -14.63 3.46 -8.57
N VAL E 323 -15.74 4.05 -8.12
CA VAL E 323 -15.74 5.08 -7.10
C VAL E 323 -16.47 4.56 -5.88
N LYS E 324 -15.86 4.68 -4.71
CA LYS E 324 -16.38 4.13 -3.47
C LYS E 324 -16.95 5.25 -2.61
N VAL E 325 -18.17 5.05 -2.12
CA VAL E 325 -18.83 5.96 -1.20
C VAL E 325 -18.88 5.27 0.16
N LYS E 326 -18.29 5.91 1.17
CA LYS E 326 -18.14 5.30 2.49
C LYS E 326 -18.71 6.21 3.56
N LEU E 327 -19.33 5.61 4.56
CA LEU E 327 -19.92 6.32 5.69
C LEU E 327 -19.23 5.84 6.97
N VAL E 328 -18.81 6.79 7.80
CA VAL E 328 -18.20 6.46 9.09
C VAL E 328 -19.29 6.47 10.16
N VAL E 329 -20.00 5.36 10.29
CA VAL E 329 -21.10 5.26 11.26
C VAL E 329 -20.52 5.24 12.67
N ASP E 342 -18.54 0.69 9.76
CA ASP E 342 -18.66 1.60 8.63
C ASP E 342 -19.38 0.92 7.47
N VAL E 343 -19.92 1.73 6.56
CA VAL E 343 -20.68 1.24 5.42
C VAL E 343 -20.07 1.83 4.15
N ALA E 344 -19.98 1.01 3.11
CA ALA E 344 -19.37 1.45 1.87
C ALA E 344 -20.12 0.84 0.68
N VAL E 345 -20.05 1.53 -0.45
CA VAL E 345 -20.63 1.08 -1.70
C VAL E 345 -19.75 1.61 -2.83
N GLU E 346 -19.60 0.81 -3.88
CA GLU E 346 -18.69 1.11 -4.97
C GLU E 346 -19.45 1.15 -6.28
N LEU E 347 -19.14 2.14 -7.13
CA LEU E 347 -19.80 2.32 -8.41
C LEU E 347 -18.77 2.25 -9.54
N PRO E 348 -18.99 1.44 -10.57
CA PRO E 348 -18.05 1.41 -11.69
C PRO E 348 -18.34 2.52 -12.71
N PHE E 349 -17.29 2.95 -13.39
CA PHE E 349 -17.44 3.93 -14.46
C PHE E 349 -16.25 3.80 -15.41
N THR E 350 -16.41 4.38 -16.59
CA THR E 350 -15.44 4.25 -17.67
C THR E 350 -14.73 5.58 -17.88
N LEU E 351 -13.42 5.52 -18.13
CA LEU E 351 -12.57 6.71 -18.21
C LEU E 351 -11.64 6.58 -19.41
N MET E 352 -11.91 7.32 -20.47
CA MET E 352 -11.03 7.32 -21.63
C MET E 352 -11.41 8.45 -22.58
N HIS E 353 -10.48 8.77 -23.47
CA HIS E 353 -10.65 9.91 -24.36
C HIS E 353 -11.74 9.64 -25.40
N PRO E 354 -12.27 10.69 -26.03
CA PRO E 354 -13.18 10.49 -27.16
C PRO E 354 -12.41 10.09 -28.40
N LYS E 355 -13.14 9.63 -29.39
CA LYS E 355 -12.54 9.30 -30.67
C LYS E 355 -12.13 10.59 -31.38
N PRO E 356 -10.84 10.81 -31.66
CA PRO E 356 -10.45 12.04 -32.34
C PRO E 356 -11.11 12.15 -33.71
N LYS E 357 -11.45 13.39 -34.08
CA LYS E 357 -12.13 13.63 -35.34
C LYS E 357 -11.14 13.67 -36.50
N VAL F 5 -19.48 28.55 -21.45
CA VAL F 5 -18.59 28.26 -22.59
C VAL F 5 -17.58 29.40 -22.71
N GLN F 6 -17.92 30.59 -22.21
CA GLN F 6 -17.05 31.73 -22.43
C GLN F 6 -16.13 31.96 -21.24
N LEU F 7 -15.10 32.77 -21.47
CA LEU F 7 -14.21 33.24 -20.43
C LEU F 7 -14.51 34.70 -20.14
N VAL F 8 -14.72 35.02 -18.87
CA VAL F 8 -14.94 36.39 -18.42
C VAL F 8 -13.77 36.78 -17.54
N GLU F 9 -13.14 37.89 -17.94
CA GLU F 9 -11.90 38.33 -17.25
C GLU F 9 -12.07 39.77 -16.79
N SER F 10 -11.51 40.12 -15.64
CA SER F 10 -11.66 41.45 -15.07
C SER F 10 -10.48 41.73 -14.16
N GLY F 11 -10.26 43.02 -13.89
CA GLY F 11 -9.21 43.45 -13.00
C GLY F 11 -8.17 44.36 -13.63
N GLY F 12 -8.39 44.90 -14.82
CA GLY F 12 -7.42 45.79 -15.42
C GLY F 12 -7.40 47.14 -14.72
N GLY F 13 -6.32 47.88 -14.97
CA GLY F 13 -6.19 49.20 -14.39
C GLY F 13 -4.83 49.81 -14.71
N LEU F 14 -4.50 50.87 -13.97
CA LEU F 14 -3.25 51.60 -14.15
C LEU F 14 -2.40 51.47 -12.89
N VAL F 15 -1.12 51.15 -13.09
CA VAL F 15 -0.15 51.10 -12.00
C VAL F 15 1.18 51.59 -12.53
N GLN F 16 1.78 52.57 -11.84
CA GLN F 16 3.05 53.13 -12.26
C GLN F 16 4.16 52.10 -12.05
N PRO F 17 5.30 52.27 -12.72
CA PRO F 17 6.35 51.25 -12.64
C PRO F 17 6.74 50.96 -11.20
N GLY F 18 7.04 49.69 -10.94
CA GLY F 18 7.27 49.22 -9.59
C GLY F 18 6.04 48.70 -8.89
N GLY F 19 4.86 48.85 -9.47
CA GLY F 19 3.64 48.39 -8.83
C GLY F 19 3.38 46.92 -9.12
N SER F 20 2.20 46.48 -8.66
CA SER F 20 1.75 45.12 -8.91
C SER F 20 0.24 45.14 -9.08
N LEU F 21 -0.26 44.25 -9.95
CA LEU F 21 -1.67 44.22 -10.29
C LEU F 21 -2.11 42.76 -10.43
N ARG F 22 -3.38 42.51 -10.18
CA ARG F 22 -3.97 41.17 -10.23
C ARG F 22 -5.01 41.13 -11.33
N LEU F 23 -4.90 40.13 -12.21
CA LEU F 23 -5.91 39.84 -13.22
C LEU F 23 -6.49 38.46 -12.98
N SER F 24 -7.79 38.33 -13.25
CA SER F 24 -8.49 37.06 -13.09
C SER F 24 -9.25 36.75 -14.36
N CYS F 25 -9.18 35.49 -14.79
CA CYS F 25 -9.91 34.99 -15.96
C CYS F 25 -10.86 33.91 -15.45
N ALA F 26 -12.11 34.29 -15.20
CA ALA F 26 -13.09 33.37 -14.64
C ALA F 26 -13.79 32.65 -15.79
N ALA F 27 -13.54 31.35 -15.90
CA ALA F 27 -14.14 30.58 -16.97
C ALA F 27 -15.55 30.15 -16.59
N SER F 28 -16.27 29.63 -17.58
CA SER F 28 -17.63 29.15 -17.37
C SER F 28 -17.95 28.13 -18.44
N GLY F 29 -18.35 26.93 -18.02
CA GLY F 29 -18.74 25.90 -18.95
C GLY F 29 -17.68 24.86 -19.23
N PHE F 30 -16.55 24.90 -18.52
CA PHE F 30 -15.58 23.82 -18.62
C PHE F 30 -14.63 23.91 -17.45
N ASN F 31 -14.21 22.73 -16.97
CA ASN F 31 -13.33 22.64 -15.81
C ASN F 31 -11.91 23.01 -16.20
N VAL F 32 -11.18 23.57 -15.24
CA VAL F 32 -9.79 23.93 -15.46
C VAL F 32 -8.89 22.70 -15.54
N TYR F 33 -9.38 21.53 -15.10
CA TYR F 33 -8.62 20.29 -15.20
C TYR F 33 -8.63 19.71 -16.61
N SER F 34 -9.68 19.94 -17.37
CA SER F 34 -9.74 19.49 -18.76
C SER F 34 -9.29 20.56 -19.74
N SER F 35 -8.64 21.61 -19.27
CA SER F 35 -8.24 22.72 -20.10
C SER F 35 -7.00 23.37 -19.52
N SER F 36 -6.36 24.20 -20.33
CA SER F 36 -5.18 24.96 -19.93
C SER F 36 -5.40 26.40 -20.33
N ILE F 37 -5.17 27.33 -19.40
CA ILE F 37 -5.50 28.73 -19.58
C ILE F 37 -4.21 29.49 -19.86
N HIS F 38 -4.22 30.26 -20.94
CA HIS F 38 -3.04 31.01 -21.40
C HIS F 38 -3.37 32.49 -21.42
N TRP F 39 -2.37 33.31 -21.13
CA TRP F 39 -2.51 34.76 -21.14
C TRP F 39 -1.76 35.33 -22.34
N VAL F 40 -2.49 36.00 -23.22
CA VAL F 40 -1.95 36.47 -24.50
C VAL F 40 -2.10 37.98 -24.52
N ARG F 41 -1.04 38.69 -24.16
CA ARG F 41 -1.10 40.14 -24.19
C ARG F 41 -1.11 40.63 -25.63
N GLN F 42 -1.15 41.93 -25.83
CA GLN F 42 -1.04 42.50 -27.20
C GLN F 42 -0.82 43.99 -27.13
N ALA F 43 0.43 44.44 -27.10
CA ALA F 43 0.78 45.84 -26.94
C ALA F 43 -0.03 46.68 -27.93
N PRO F 44 -0.34 47.92 -27.58
CA PRO F 44 -1.22 48.73 -28.44
C PRO F 44 -0.63 48.87 -29.84
N GLY F 45 -1.34 48.34 -30.82
CA GLY F 45 -0.95 48.43 -32.21
C GLY F 45 0.09 47.43 -32.66
N LYS F 46 0.55 46.54 -31.79
CA LYS F 46 1.56 45.56 -32.12
C LYS F 46 0.95 44.17 -32.19
N GLY F 47 1.80 43.17 -32.41
CA GLY F 47 1.35 41.80 -32.49
C GLY F 47 1.24 41.15 -31.13
N LEU F 48 0.59 39.98 -31.11
CA LEU F 48 0.37 39.27 -29.87
C LEU F 48 1.66 38.70 -29.32
N GLU F 49 1.67 38.45 -28.02
CA GLU F 49 2.79 37.82 -27.35
C GLU F 49 2.27 37.01 -26.18
N TRP F 50 2.57 35.72 -26.19
CA TRP F 50 2.14 34.82 -25.12
C TRP F 50 3.02 35.02 -23.90
N VAL F 51 2.41 35.26 -22.74
CA VAL F 51 3.12 35.71 -21.55
C VAL F 51 3.21 34.61 -20.49
N ALA F 52 2.13 33.86 -20.27
CA ALA F 52 2.17 32.81 -19.27
C ALA F 52 0.99 31.87 -19.50
N SER F 53 1.11 30.66 -18.96
CA SER F 53 0.05 29.67 -19.09
C SER F 53 0.11 28.69 -17.93
N ILE F 54 -1.02 28.03 -17.69
CA ILE F 54 -1.15 27.05 -16.63
C ILE F 54 -1.94 25.87 -17.16
N SER F 55 -1.51 24.66 -16.81
CA SER F 55 -2.21 23.42 -17.16
C SER F 55 -2.46 22.68 -15.86
N SER F 56 -3.67 22.83 -15.32
CA SER F 56 -3.96 22.32 -13.99
C SER F 56 -3.88 20.80 -13.91
N TYR F 57 -4.16 20.09 -15.01
CA TYR F 57 -4.15 18.63 -14.94
C TYR F 57 -2.78 18.11 -14.53
N TYR F 58 -1.72 18.63 -15.13
CA TYR F 58 -0.37 18.21 -14.77
C TYR F 58 0.25 19.08 -13.68
N GLY F 59 -0.21 20.31 -13.53
CA GLY F 59 0.35 21.22 -12.55
C GLY F 59 1.47 22.10 -13.06
N TYR F 60 1.89 21.94 -14.30
CA TYR F 60 2.95 22.76 -14.85
C TYR F 60 2.47 24.19 -15.06
N THR F 61 3.41 25.13 -15.02
CA THR F 61 3.16 26.52 -15.37
C THR F 61 4.33 27.03 -16.19
N TYR F 62 4.01 27.80 -17.24
CA TYR F 62 5.01 28.27 -18.19
C TYR F 62 4.93 29.79 -18.29
N TYR F 63 6.10 30.43 -18.36
CA TYR F 63 6.19 31.87 -18.44
C TYR F 63 7.11 32.25 -19.58
N ALA F 64 6.80 33.37 -20.24
CA ALA F 64 7.67 33.88 -21.28
C ALA F 64 8.93 34.48 -20.67
N ASP F 65 10.00 34.51 -21.46
CA ASP F 65 11.28 35.00 -20.94
C ASP F 65 11.19 36.46 -20.50
N SER F 66 10.43 37.28 -21.24
CA SER F 66 10.30 38.69 -20.87
C SER F 66 9.59 38.89 -19.54
N VAL F 67 8.94 37.84 -19.01
CA VAL F 67 8.24 37.94 -17.73
C VAL F 67 8.61 36.81 -16.78
N LYS F 68 9.72 36.13 -17.00
CA LYS F 68 10.12 35.05 -16.11
C LYS F 68 10.42 35.60 -14.72
N GLY F 69 9.75 35.05 -13.71
CA GLY F 69 9.99 35.47 -12.34
C GLY F 69 9.17 36.69 -11.94
N ARG F 70 9.01 37.64 -12.85
CA ARG F 70 8.24 38.84 -12.55
C ARG F 70 6.77 38.48 -12.26
N PHE F 71 6.19 37.58 -13.06
CA PHE F 71 4.80 37.20 -12.93
C PHE F 71 4.67 35.86 -12.23
N THR F 72 3.48 35.60 -11.71
CA THR F 72 3.12 34.30 -11.16
C THR F 72 1.68 34.01 -11.50
N ILE F 73 1.42 32.76 -11.87
CA ILE F 73 0.11 32.34 -12.35
C ILE F 73 -0.38 31.18 -11.50
N SER F 74 -1.65 31.23 -11.13
CA SER F 74 -2.27 30.16 -10.36
C SER F 74 -3.76 30.15 -10.67
N ALA F 75 -4.41 29.03 -10.37
CA ALA F 75 -5.83 28.86 -10.65
C ALA F 75 -6.51 28.22 -9.46
N ASP F 76 -7.71 28.71 -9.15
CA ASP F 76 -8.52 28.17 -8.07
C ASP F 76 -9.43 27.11 -8.69
N THR F 77 -9.05 25.85 -8.53
CA THR F 77 -9.79 24.76 -9.18
C THR F 77 -11.20 24.61 -8.64
N SER F 78 -11.49 25.12 -7.44
CA SER F 78 -12.83 24.97 -6.89
C SER F 78 -13.84 25.83 -7.64
N LYS F 79 -13.39 26.93 -8.26
CA LYS F 79 -14.32 27.77 -9.02
C LYS F 79 -13.76 28.10 -10.40
N ASN F 80 -12.78 27.35 -10.90
CA ASN F 80 -12.45 27.37 -12.32
C ASN F 80 -12.00 28.75 -12.80
N THR F 81 -11.41 29.53 -11.89
CA THR F 81 -10.90 30.85 -12.20
C THR F 81 -9.39 30.88 -12.05
N ALA F 82 -8.72 31.54 -12.97
CA ALA F 82 -7.26 31.62 -12.99
C ALA F 82 -6.80 33.05 -12.76
N TYR F 83 -5.67 33.20 -12.07
CA TYR F 83 -5.16 34.49 -11.67
C TYR F 83 -3.77 34.72 -12.25
N LEU F 84 -3.53 35.94 -12.70
CA LEU F 84 -2.20 36.42 -13.03
C LEU F 84 -1.80 37.48 -12.01
N GLN F 85 -0.65 37.30 -11.38
CA GLN F 85 -0.11 38.26 -10.43
C GLN F 85 1.13 38.89 -11.05
N MET F 86 0.99 40.11 -11.55
CA MET F 86 2.09 40.83 -12.16
C MET F 86 2.75 41.72 -11.11
N ASN F 87 4.08 41.62 -11.00
CA ASN F 87 4.84 42.41 -10.05
C ASN F 87 5.95 43.16 -10.79
N SER F 88 6.19 44.38 -10.35
CA SER F 88 7.20 45.24 -10.95
C SER F 88 6.88 45.52 -12.41
N LEU F 89 5.69 46.07 -12.63
CA LEU F 89 5.28 46.46 -13.97
C LEU F 89 6.22 47.53 -14.50
N ARG F 90 6.42 47.53 -15.82
CA ARG F 90 7.34 48.46 -16.45
C ARG F 90 6.72 49.03 -17.72
N ALA F 91 7.47 49.88 -18.39
CA ALA F 91 6.96 50.67 -19.51
C ALA F 91 6.48 49.79 -20.66
N GLU F 92 7.26 48.78 -21.02
CA GLU F 92 7.03 48.05 -22.26
C GLU F 92 5.88 47.06 -22.17
N ASP F 93 5.39 46.76 -20.98
CA ASP F 93 4.43 45.68 -20.79
C ASP F 93 2.98 46.14 -20.83
N THR F 94 2.73 47.43 -21.06
CA THR F 94 1.37 47.88 -21.25
C THR F 94 0.76 47.17 -22.45
N ALA F 95 -0.44 46.65 -22.29
CA ALA F 95 -1.07 45.86 -23.35
C ALA F 95 -2.45 45.43 -22.89
N VAL F 96 -3.16 44.79 -23.81
CA VAL F 96 -4.43 44.16 -23.49
C VAL F 96 -4.17 42.69 -23.17
N TYR F 97 -4.60 42.24 -22.00
CA TYR F 97 -4.24 40.90 -21.56
C TYR F 97 -5.34 39.86 -21.76
N TYR F 98 -5.60 39.48 -23.01
CA TYR F 98 -6.58 38.42 -23.26
C TYR F 98 -6.16 37.14 -22.57
N CYS F 99 -7.10 36.51 -21.88
CA CYS F 99 -6.92 35.14 -21.45
C CYS F 99 -7.57 34.21 -22.48
N ALA F 100 -7.10 32.97 -22.52
CA ALA F 100 -7.56 32.05 -23.55
C ALA F 100 -7.50 30.62 -23.03
N ARG F 101 -8.19 29.74 -23.73
CA ARG F 101 -8.37 28.35 -23.33
C ARG F 101 -7.74 27.44 -24.37
N SER F 102 -6.91 26.51 -23.92
CA SER F 102 -6.32 25.49 -24.79
C SER F 102 -6.74 24.11 -24.29
N ARG F 103 -7.30 23.31 -25.19
CA ARG F 103 -7.78 21.99 -24.79
C ARG F 103 -6.63 21.15 -24.25
N GLN F 104 -6.87 20.49 -23.12
CA GLN F 104 -5.79 19.75 -22.48
C GLN F 104 -5.42 18.50 -23.26
N PHE F 105 -6.40 17.84 -23.89
CA PHE F 105 -6.17 16.59 -24.61
C PHE F 105 -6.77 16.73 -26.02
N TRP F 106 -6.01 17.30 -26.95
CA TRP F 106 -4.71 17.91 -26.72
C TRP F 106 -4.69 19.28 -27.38
N TYR F 107 -3.64 20.05 -27.10
CA TYR F 107 -3.52 21.40 -27.62
C TYR F 107 -3.99 21.47 -29.06
N SER F 108 -4.94 22.37 -29.33
CA SER F 108 -5.50 22.53 -30.67
C SER F 108 -5.75 23.99 -31.00
N GLY F 109 -4.92 24.89 -30.47
CA GLY F 109 -5.13 26.30 -30.63
C GLY F 109 -5.95 26.89 -29.50
N LEU F 110 -5.85 28.19 -29.34
CA LEU F 110 -6.57 28.92 -28.30
C LEU F 110 -7.97 29.23 -28.81
N ASP F 111 -8.89 28.28 -28.64
CA ASP F 111 -10.20 28.37 -29.27
C ASP F 111 -11.15 29.36 -28.62
N TYR F 112 -11.04 29.58 -27.31
CA TYR F 112 -11.88 30.53 -26.60
C TYR F 112 -11.02 31.59 -25.93
N TRP F 113 -11.45 32.84 -26.03
CA TRP F 113 -10.68 33.99 -25.55
C TRP F 113 -11.50 34.82 -24.58
N GLY F 114 -10.82 35.47 -23.66
CA GLY F 114 -11.47 36.42 -22.79
C GLY F 114 -11.82 37.67 -23.58
N GLN F 115 -12.28 38.72 -22.91
CA GLN F 115 -12.64 39.95 -23.61
C GLN F 115 -11.50 40.95 -23.68
N GLY F 116 -10.39 40.70 -22.99
CA GLY F 116 -9.22 41.55 -23.15
C GLY F 116 -9.17 42.76 -22.22
N THR F 117 -9.13 42.54 -20.91
CA THR F 117 -8.91 43.65 -20.00
C THR F 117 -7.64 44.42 -20.36
N LEU F 118 -7.53 45.63 -19.84
CA LEU F 118 -6.49 46.57 -20.22
C LEU F 118 -5.53 46.79 -19.06
N VAL F 119 -4.23 46.75 -19.35
CA VAL F 119 -3.18 47.08 -18.40
C VAL F 119 -2.34 48.18 -19.02
N THR F 120 -2.27 49.33 -18.36
CA THR F 120 -1.52 50.49 -18.85
C THR F 120 -0.63 50.99 -17.72
N VAL F 121 0.61 50.50 -17.70
CA VAL F 121 1.57 50.89 -16.67
C VAL F 121 1.62 52.41 -16.54
N SER G 1 14.22 26.53 -27.49
CA SER G 1 14.40 28.00 -27.62
C SER G 1 13.26 28.62 -28.42
N ASP G 2 13.39 29.91 -28.71
CA ASP G 2 12.36 30.61 -29.46
C ASP G 2 12.39 30.20 -30.93
N ILE G 3 11.21 30.03 -31.50
CA ILE G 3 11.05 29.70 -32.92
C ILE G 3 10.64 30.99 -33.62
N GLN G 4 11.63 31.71 -34.15
CA GLN G 4 11.33 32.94 -34.86
C GLN G 4 10.35 32.67 -35.99
N MET G 5 9.31 33.48 -36.08
CA MET G 5 8.19 33.23 -36.98
C MET G 5 7.99 34.45 -37.87
N THR G 6 8.69 34.47 -39.00
CA THR G 6 8.50 35.54 -39.97
C THR G 6 7.19 35.32 -40.72
N GLN G 7 6.43 36.40 -40.91
CA GLN G 7 5.18 36.34 -41.65
C GLN G 7 5.12 37.53 -42.59
N SER G 8 4.74 37.26 -43.83
CA SER G 8 4.70 38.30 -44.86
C SER G 8 3.49 38.06 -45.74
N PRO G 9 2.97 39.10 -46.40
CA PRO G 9 3.41 40.50 -46.30
C PRO G 9 2.86 41.19 -45.06
N SER G 10 3.60 42.18 -44.54
CA SER G 10 3.14 42.92 -43.37
C SER G 10 1.91 43.76 -43.65
N SER G 11 1.54 43.92 -44.92
CA SER G 11 0.31 44.62 -45.28
C SER G 11 -0.08 44.23 -46.69
N LEU G 12 -1.39 44.20 -46.96
CA LEU G 12 -1.87 43.91 -48.31
C LEU G 12 -3.28 44.46 -48.44
N SER G 13 -3.78 44.44 -49.67
CA SER G 13 -5.13 44.84 -49.98
C SER G 13 -5.63 44.06 -51.18
N ALA G 14 -6.93 43.79 -51.22
CA ALA G 14 -7.52 43.09 -52.34
C ALA G 14 -9.01 43.42 -52.42
N SER G 15 -9.52 43.51 -53.64
CA SER G 15 -10.92 43.83 -53.83
C SER G 15 -11.80 42.71 -53.29
N VAL G 16 -13.04 43.06 -52.95
CA VAL G 16 -13.97 42.06 -52.45
C VAL G 16 -14.18 40.99 -53.53
N GLY G 17 -14.05 39.73 -53.14
CA GLY G 17 -14.16 38.62 -54.04
C GLY G 17 -12.82 38.08 -54.55
N ASP G 18 -11.74 38.82 -54.35
CA ASP G 18 -10.44 38.36 -54.83
C ASP G 18 -9.85 37.34 -53.86
N ARG G 19 -9.07 36.41 -54.42
CA ARG G 19 -8.36 35.43 -53.60
C ARG G 19 -7.01 36.00 -53.17
N VAL G 20 -6.72 35.86 -51.87
CA VAL G 20 -5.46 36.32 -51.30
C VAL G 20 -4.83 35.17 -50.54
N THR G 21 -3.52 35.26 -50.38
CA THR G 21 -2.75 34.26 -49.63
C THR G 21 -1.83 34.98 -48.66
N ILE G 22 -1.66 34.37 -47.49
CA ILE G 22 -0.78 34.88 -46.45
C ILE G 22 0.24 33.80 -46.13
N THR G 23 1.52 34.13 -46.24
CA THR G 23 2.59 33.16 -46.10
C THR G 23 3.28 33.33 -44.76
N CYS G 24 3.64 32.20 -44.16
CA CYS G 24 4.23 32.17 -42.82
C CYS G 24 5.31 31.10 -42.80
N ARG G 25 6.55 31.52 -42.52
CA ARG G 25 7.68 30.61 -42.51
C ARG G 25 8.13 30.40 -41.07
N ALA G 26 8.25 29.14 -40.67
CA ALA G 26 8.78 28.82 -39.35
C ALA G 26 10.29 28.64 -39.44
N SER G 27 11.04 29.45 -38.69
CA SER G 27 12.48 29.39 -38.75
C SER G 27 13.03 28.00 -38.48
N GLN G 28 12.34 27.20 -37.67
CA GLN G 28 12.70 25.81 -37.43
C GLN G 28 11.56 24.94 -37.92
N SER G 29 11.79 23.64 -37.95
CA SER G 29 10.74 22.70 -38.32
C SER G 29 9.77 22.56 -37.15
N VAL G 30 8.51 22.92 -37.38
CA VAL G 30 7.48 22.84 -36.37
C VAL G 30 6.45 21.77 -36.70
N SER G 31 6.82 20.80 -37.54
CA SER G 31 5.91 19.76 -37.97
C SER G 31 4.67 20.45 -38.55
N SER G 32 3.49 19.85 -38.35
CA SER G 32 2.24 20.44 -38.81
C SER G 32 1.52 21.21 -37.71
N ALA G 33 2.24 21.79 -36.77
CA ALA G 33 1.64 22.46 -35.61
C ALA G 33 1.67 23.97 -35.83
N VAL G 34 0.62 24.46 -36.49
CA VAL G 34 0.43 25.88 -36.72
C VAL G 34 -1.07 26.17 -36.70
N ALA G 35 -1.41 27.37 -36.26
CA ALA G 35 -2.80 27.80 -36.20
C ALA G 35 -2.90 29.24 -36.67
N TRP G 36 -4.04 29.58 -37.25
CA TRP G 36 -4.26 30.88 -37.86
C TRP G 36 -5.42 31.59 -37.17
N TYR G 37 -5.22 32.88 -36.92
CA TYR G 37 -6.19 33.62 -36.10
C TYR G 37 -6.58 34.94 -36.73
N GLN G 38 -7.84 35.33 -36.65
CA GLN G 38 -8.38 36.58 -37.17
C GLN G 38 -8.69 37.49 -36.01
N GLN G 39 -8.21 38.75 -36.07
CA GLN G 39 -8.38 39.68 -34.92
C GLN G 39 -9.04 40.99 -35.31
N LYS G 40 -10.35 41.02 -35.32
CA LYS G 40 -11.09 42.21 -35.70
C LYS G 40 -10.48 43.41 -34.97
N PRO G 41 -10.56 44.61 -35.53
CA PRO G 41 -9.99 45.77 -34.86
C PRO G 41 -10.40 45.89 -33.40
N GLY G 42 -9.42 45.75 -32.51
CA GLY G 42 -9.58 46.04 -31.10
C GLY G 42 -10.19 44.94 -30.25
N LYS G 43 -10.63 43.82 -30.84
CA LYS G 43 -11.33 42.80 -30.10
C LYS G 43 -10.50 41.52 -30.05
N ALA G 44 -11.02 40.53 -29.33
CA ALA G 44 -10.25 39.33 -29.07
C ALA G 44 -10.01 38.55 -30.36
N PRO G 45 -8.81 38.00 -30.55
CA PRO G 45 -8.57 37.16 -31.72
C PRO G 45 -9.50 35.98 -31.76
N LYS G 46 -9.77 35.49 -32.98
CA LYS G 46 -10.65 34.35 -33.21
C LYS G 46 -9.86 33.26 -33.89
N LEU G 47 -10.06 32.02 -33.46
CA LEU G 47 -9.33 30.90 -34.03
C LEU G 47 -9.99 30.41 -35.31
N LEU G 48 -9.18 30.15 -36.34
CA LEU G 48 -9.67 29.67 -37.62
C LEU G 48 -9.15 28.29 -37.98
N ILE G 49 -7.84 28.08 -37.97
CA ILE G 49 -7.23 26.83 -38.40
C ILE G 49 -6.29 26.33 -37.31
N TYR G 50 -6.24 25.02 -37.13
CA TYR G 50 -5.28 24.37 -36.26
C TYR G 50 -4.70 23.16 -36.99
N SER G 51 -3.55 22.71 -36.53
CA SER G 51 -2.81 21.64 -37.21
C SER G 51 -2.30 22.10 -38.58
N ALA G 52 -2.42 23.41 -38.84
CA ALA G 52 -1.92 24.03 -40.06
C ALA G 52 -2.78 23.70 -41.26
N SER G 53 -3.73 22.76 -41.13
CA SER G 53 -4.64 22.47 -42.23
C SER G 53 -6.08 22.29 -41.77
N SER G 54 -6.27 21.92 -40.50
CA SER G 54 -7.60 21.54 -40.03
C SER G 54 -8.44 22.79 -39.83
N LEU G 55 -9.59 22.84 -40.50
CA LEU G 55 -10.46 24.00 -40.41
C LEU G 55 -11.34 23.90 -39.17
N TYR G 56 -11.38 24.97 -38.39
CA TYR G 56 -12.11 24.98 -37.13
C TYR G 56 -13.62 24.96 -37.41
N SER G 57 -14.40 24.63 -36.38
CA SER G 57 -15.84 24.59 -36.51
C SER G 57 -16.42 26.01 -36.54
N GLY G 58 -17.48 26.17 -37.31
CA GLY G 58 -18.19 27.44 -37.37
C GLY G 58 -17.64 28.42 -38.37
N VAL G 59 -16.35 28.32 -38.66
CA VAL G 59 -15.68 29.26 -39.56
C VAL G 59 -16.18 29.02 -40.99
N PRO G 60 -16.27 30.06 -41.83
CA PRO G 60 -16.69 29.83 -43.21
C PRO G 60 -15.68 28.96 -43.95
N SER G 61 -16.18 28.19 -44.92
CA SER G 61 -15.31 27.36 -45.74
C SER G 61 -14.35 28.17 -46.58
N ARG G 62 -14.60 29.49 -46.72
CA ARG G 62 -13.77 30.31 -47.57
C ARG G 62 -12.32 30.32 -47.11
N PHE G 63 -12.08 30.08 -45.83
CA PHE G 63 -10.72 29.99 -45.31
C PHE G 63 -10.18 28.58 -45.48
N SER G 64 -8.89 28.49 -45.77
CA SER G 64 -8.23 27.20 -45.99
C SER G 64 -6.78 27.31 -45.57
N GLY G 65 -6.16 26.15 -45.35
CA GLY G 65 -4.76 26.08 -44.95
C GLY G 65 -3.97 25.16 -45.87
N SER G 66 -2.67 25.11 -45.61
CA SER G 66 -1.77 24.23 -46.36
C SER G 66 -0.37 24.35 -45.77
N ARG G 67 0.46 23.36 -46.08
CA ARG G 67 1.82 23.30 -45.59
C ARG G 67 2.76 22.85 -46.70
N SER G 68 4.01 23.31 -46.61
CA SER G 68 5.09 22.81 -47.47
C SER G 68 6.39 23.05 -46.73
N GLY G 69 6.96 21.98 -46.17
CA GLY G 69 8.18 22.12 -45.40
C GLY G 69 8.00 23.03 -44.21
N THR G 70 8.83 24.08 -44.13
CA THR G 70 8.70 25.08 -43.08
C THR G 70 7.90 26.30 -43.53
N ASP G 71 7.33 26.28 -44.73
CA ASP G 71 6.51 27.37 -45.22
C ASP G 71 5.04 27.01 -45.04
N PHE G 72 4.30 27.90 -44.38
CA PHE G 72 2.87 27.71 -44.14
C PHE G 72 2.09 28.81 -44.84
N THR G 73 0.93 28.44 -45.38
CA THR G 73 0.11 29.37 -46.15
C THR G 73 -1.33 29.32 -45.66
N LEU G 74 -1.93 30.50 -45.54
CA LEU G 74 -3.35 30.66 -45.28
C LEU G 74 -3.95 31.43 -46.45
N THR G 75 -4.98 30.87 -47.07
CA THR G 75 -5.56 31.45 -48.27
C THR G 75 -7.07 31.59 -48.11
N ILE G 76 -7.61 32.70 -48.58
CA ILE G 76 -9.03 32.97 -48.56
C ILE G 76 -9.56 32.88 -49.99
N SER G 77 -10.48 31.94 -50.23
CA SER G 77 -10.97 31.70 -51.58
C SER G 77 -11.79 32.88 -52.10
N SER G 78 -12.40 33.67 -51.22
CA SER G 78 -13.12 34.88 -51.65
C SER G 78 -13.19 35.82 -50.46
N LEU G 79 -12.59 37.00 -50.61
CA LEU G 79 -12.55 37.96 -49.51
C LEU G 79 -13.83 38.77 -49.49
N GLN G 80 -14.47 38.82 -48.33
CA GLN G 80 -15.74 39.51 -48.17
C GLN G 80 -15.56 40.75 -47.30
N PRO G 81 -16.55 41.67 -47.27
CA PRO G 81 -16.43 42.90 -46.51
C PRO G 81 -16.05 42.64 -45.05
N GLU G 82 -16.55 41.56 -44.47
CA GLU G 82 -16.28 41.27 -43.07
C GLU G 82 -14.94 40.59 -42.85
N ASP G 83 -14.19 40.31 -43.91
CA ASP G 83 -12.93 39.58 -43.80
C ASP G 83 -11.73 40.48 -43.62
N PHE G 84 -11.90 41.80 -43.71
CA PHE G 84 -10.77 42.71 -43.49
C PHE G 84 -10.43 42.79 -42.01
N ALA G 85 -9.26 42.29 -41.65
CA ALA G 85 -8.81 42.29 -40.26
C ALA G 85 -7.32 42.01 -40.26
N THR G 86 -6.79 41.70 -39.09
CA THR G 86 -5.38 41.33 -38.93
C THR G 86 -5.30 39.84 -38.60
N TYR G 87 -4.47 39.11 -39.34
CA TYR G 87 -4.34 37.68 -39.19
C TYR G 87 -2.96 37.35 -38.62
N TYR G 88 -2.92 36.44 -37.66
CA TYR G 88 -1.67 36.07 -36.98
C TYR G 88 -1.39 34.59 -37.16
N CYS G 89 -0.16 34.28 -37.52
CA CYS G 89 0.32 32.90 -37.61
C CYS G 89 0.95 32.52 -36.28
N GLN G 90 0.49 31.35 -35.76
CA GLN G 90 1.02 30.84 -34.48
C GLN G 90 1.46 29.40 -34.53
N GLN G 91 2.67 29.06 -34.08
CA GLN G 91 3.04 27.67 -33.92
C GLN G 91 2.86 27.26 -32.46
N TYR G 92 2.58 25.98 -32.25
CA TYR G 92 2.47 25.46 -30.90
C TYR G 92 3.18 24.12 -30.74
N LYS G 93 4.21 23.85 -31.55
CA LYS G 93 4.96 22.61 -31.38
C LYS G 93 5.93 22.68 -30.21
N TYR G 94 6.56 23.84 -30.00
CA TYR G 94 7.44 24.04 -28.85
C TYR G 94 7.00 25.29 -28.09
N VAL G 95 7.06 25.23 -26.77
CA VAL G 95 6.97 26.44 -25.96
C VAL G 95 8.30 27.16 -26.09
N PRO G 96 8.34 28.49 -26.07
CA PRO G 96 7.17 29.36 -25.94
C PRO G 96 6.39 29.48 -27.23
N VAL G 97 5.07 29.54 -27.11
CA VAL G 97 4.22 29.71 -28.28
C VAL G 97 4.50 31.07 -28.89
N THR G 98 4.85 31.09 -30.17
CA THR G 98 5.27 32.30 -30.85
C THR G 98 4.25 32.68 -31.92
N PHE G 99 3.85 33.94 -31.93
CA PHE G 99 2.89 34.45 -32.89
C PHE G 99 3.60 35.24 -33.98
N GLY G 100 3.01 35.29 -35.16
CA GLY G 100 3.56 36.10 -36.23
C GLY G 100 3.35 37.58 -35.99
N GLN G 101 3.98 38.39 -36.84
CA GLN G 101 3.84 39.83 -36.71
C GLN G 101 2.49 40.33 -37.20
N GLY G 102 1.86 39.63 -38.13
CA GLY G 102 0.52 39.97 -38.58
C GLY G 102 0.50 40.67 -39.93
N THR G 103 -0.64 40.55 -40.60
CA THR G 103 -0.83 41.10 -41.94
C THR G 103 -2.21 41.72 -42.01
N LYS G 104 -2.28 43.05 -41.92
CA LYS G 104 -3.57 43.72 -42.00
C LYS G 104 -4.07 43.71 -43.43
N VAL G 105 -5.30 43.24 -43.63
CA VAL G 105 -5.94 43.24 -44.94
C VAL G 105 -6.77 44.50 -45.04
N GLU G 106 -6.56 45.26 -46.11
CA GLU G 106 -7.12 46.59 -46.24
C GLU G 106 -8.08 46.65 -47.42
N ILE G 107 -9.07 47.54 -47.29
CA ILE G 107 -10.05 47.79 -48.35
C ILE G 107 -9.34 47.96 -49.70
N CYS H 10 17.42 8.84 -35.89
CA CYS H 10 16.41 9.46 -34.99
C CYS H 10 15.08 9.62 -35.73
N SEP H 11 14.00 9.86 -35.00
CA SEP H 11 12.71 9.86 -35.66
CB SEP H 11 11.58 9.96 -34.64
OG SEP H 11 11.83 9.13 -33.53
C SEP H 11 12.64 11.01 -36.66
O SEP H 11 13.51 11.88 -36.68
P SEP H 11 10.59 8.13 -33.28
O1P SEP H 11 9.23 8.98 -33.04
O2P SEP H 11 10.41 7.18 -34.56
O3P SEP H 11 10.88 7.22 -31.98
N GLU H 12 11.60 11.00 -37.50
CA GLU H 12 11.43 12.09 -38.48
C GLU H 12 10.03 12.06 -39.06
N SEP H 13 9.85 12.67 -40.23
CA SEP H 13 8.55 12.76 -40.87
CB SEP H 13 7.66 13.75 -40.13
OG SEP H 13 8.24 15.04 -40.18
C SEP H 13 8.70 13.18 -42.32
O SEP H 13 9.66 13.84 -42.69
P SEP H 13 7.18 16.16 -39.71
O1P SEP H 13 6.98 16.07 -38.12
O2P SEP H 13 5.78 15.93 -40.45
O3P SEP H 13 7.76 17.62 -40.10
N SEP H 14 7.72 12.79 -43.13
CA SEP H 14 7.74 13.18 -44.57
CB SEP H 14 8.61 12.25 -45.36
OG SEP H 14 9.88 12.90 -45.57
C SEP H 14 6.32 13.20 -45.10
O SEP H 14 5.49 12.47 -44.54
P SEP H 14 10.46 12.89 -47.07
O1P SEP H 14 10.96 14.29 -47.32
O2P SEP H 14 11.55 11.85 -47.08
O3P SEP H 14 9.29 12.52 -47.93
N ILE H 15 6.06 13.95 -46.15
CA ILE H 15 4.68 14.13 -46.67
C ILE H 15 4.53 13.23 -47.89
N LEU H 16 3.60 12.28 -47.89
CA LEU H 16 3.57 11.38 -49.06
C LEU H 16 3.45 12.24 -50.31
#